data_5LPU
#
_entry.id   5LPU
#
_cell.length_a   71.740
_cell.length_b   61.240
_cell.length_c   148.160
_cell.angle_alpha   90.00
_cell.angle_beta   88.69
_cell.angle_gamma   90.00
#
_symmetry.space_group_name_H-M   'P 1 21 1'
#
loop_
_entity.id
_entity.type
_entity.pdbx_description
1 polymer 'Annexin A2'
2 polymer 'Protein S100-A4'
3 non-polymer 'CALCIUM ION'
4 non-polymer GLYCEROL
5 water water
#
loop_
_entity_poly.entity_id
_entity_poly.type
_entity_poly.pdbx_seq_one_letter_code
_entity_poly.pdbx_strand_id
1 'polypeptide(L)'
;(ACE)STVHEILCKLSLEGDHSTPPSAYGSVKAYTNFDAERDALNIETAIKTKGVDEVTIVNILTNRSNEQRQDIAFAYQ
RRTKKELASALKSALSGHLETVILGLLKTPAQYDASELKASMKGLGTDEDSLIEIICSRTNQELQEINRVYKEMYKTDLE
KDIISDTSGDFRKLMVALAKGRRAEDGSVIDYELIDQDARDLYDAGVKRKGTDVPKWISIMTERSVPHLQKVFDRYKSYS
PYDMLESIRKEVKGDLENAFLNLVQCIQNKPLYFADRLYDSMKGKGTRDKVLIRIMVSRSEVDMLKIRSEFKRKYGKSLY
YYIQQDTKGDYQKALLYLCGGDD
;
A,B
2 'polypeptide(L)'
;GSHMACPLEKALDVMVSTFHKYSGKEGDKFKLNKSELKELLTRELPSFLGKRTDEAAFQKLMSNLDSNRDNEVDFQEYCV
FLSCIAMMCNEFFEGFPDKQPRKK
;
C,D
#
loop_
_chem_comp.id
_chem_comp.type
_chem_comp.name
_chem_comp.formula
ACE non-polymer 'ACETYL GROUP' 'C2 H4 O'
CA non-polymer 'CALCIUM ION' 'Ca 2'
GOL non-polymer GLYCEROL 'C3 H8 O3'
#
# COMPACT_ATOMS: atom_id res chain seq x y z
N SER A 2 16.97 -11.11 -12.51
CA SER A 2 16.37 -10.04 -13.29
C SER A 2 15.19 -9.41 -12.54
N THR A 3 14.83 -10.00 -11.41
CA THR A 3 13.77 -9.46 -10.57
C THR A 3 14.38 -8.90 -9.29
N VAL A 4 13.64 -8.00 -8.64
CA VAL A 4 14.11 -7.32 -7.42
C VAL A 4 14.52 -8.32 -6.34
N HIS A 5 13.70 -9.35 -6.14
CA HIS A 5 14.02 -10.38 -5.16
C HIS A 5 15.34 -11.06 -5.50
N GLU A 6 15.50 -11.39 -6.78
CA GLU A 6 16.72 -12.02 -7.27
C GLU A 6 17.93 -11.11 -7.10
N ILE A 7 17.81 -9.87 -7.55
CA ILE A 7 18.88 -8.87 -7.41
C ILE A 7 19.33 -8.75 -5.96
N LEU A 8 18.37 -8.50 -5.07
CA LEU A 8 18.66 -8.36 -3.65
C LEU A 8 19.27 -9.63 -3.06
N CYS A 9 18.87 -10.79 -3.59
CA CYS A 9 19.46 -12.05 -3.15
C CYS A 9 20.93 -12.18 -3.55
N LYS A 10 21.22 -11.94 -4.82
CA LYS A 10 22.59 -11.96 -5.33
C LYS A 10 23.48 -11.00 -4.57
N LEU A 11 22.94 -9.81 -4.29
CA LEU A 11 23.69 -8.81 -3.56
C LEU A 11 23.86 -9.15 -2.07
N SER A 12 22.91 -9.91 -1.52
CA SER A 12 22.92 -10.23 -0.10
C SER A 12 23.82 -11.40 0.25
N LEU A 13 24.14 -12.22 -0.73
CA LEU A 13 24.85 -13.48 -0.48
C LEU A 13 26.30 -13.30 -0.02
N GLU A 14 26.71 -12.06 0.18
CA GLU A 14 28.06 -11.74 0.67
C GLU A 14 29.13 -12.41 -0.19
N GLY A 15 29.99 -13.16 0.47
CA GLY A 15 30.95 -14.02 -0.20
C GLY A 15 30.72 -15.45 0.23
N ASP A 16 30.27 -15.62 1.48
CA ASP A 16 30.01 -16.94 2.02
C ASP A 16 28.57 -17.39 1.75
N HIS A 17 28.44 -18.62 1.25
CA HIS A 17 27.15 -19.20 0.94
C HIS A 17 26.77 -20.21 2.03
N SER A 18 26.79 -19.74 3.29
CA SER A 18 26.69 -20.60 4.46
C SER A 18 27.80 -21.62 4.23
N THR A 19 27.41 -22.88 4.07
CA THR A 19 28.33 -23.96 3.72
C THR A 19 27.64 -25.01 2.85
N PRO A 20 28.42 -25.75 2.06
CA PRO A 20 27.82 -26.82 1.24
C PRO A 20 27.14 -27.87 2.12
N PRO A 21 26.01 -28.41 1.64
CA PRO A 21 25.24 -29.40 2.41
C PRO A 21 26.02 -30.70 2.59
N SER A 22 25.75 -31.40 3.68
CA SER A 22 26.38 -32.70 3.92
C SER A 22 25.67 -33.78 3.13
N ALA A 23 26.46 -34.67 2.53
CA ALA A 23 25.91 -35.79 1.80
C ALA A 23 25.55 -36.93 2.75
N TYR A 24 25.83 -36.74 4.04
CA TYR A 24 25.63 -37.82 5.01
C TYR A 24 24.50 -37.54 5.99
N GLY A 25 23.70 -36.52 5.69
CA GLY A 25 22.51 -36.25 6.49
C GLY A 25 21.37 -37.15 6.05
N SER A 26 20.45 -37.43 6.96
CA SER A 26 19.29 -38.25 6.65
C SER A 26 18.16 -37.42 6.06
N VAL A 27 18.07 -36.16 6.48
CA VAL A 27 17.04 -35.25 6.00
C VAL A 27 17.55 -34.43 4.82
N LYS A 28 16.94 -34.60 3.65
CA LYS A 28 17.33 -33.85 2.47
C LYS A 28 16.31 -32.76 2.17
N ALA A 29 16.69 -31.79 1.35
CA ALA A 29 15.75 -30.76 0.90
C ALA A 29 14.64 -31.41 0.09
N TYR A 30 13.39 -31.09 0.43
CA TYR A 30 12.24 -31.55 -0.33
C TYR A 30 12.27 -30.95 -1.74
N THR A 31 12.12 -31.81 -2.76
CA THR A 31 12.32 -31.40 -4.14
C THR A 31 11.24 -30.40 -4.57
N ASN A 32 9.97 -30.82 -4.54
CA ASN A 32 8.88 -29.93 -4.93
C ASN A 32 8.39 -29.08 -3.77
N PHE A 33 9.25 -28.19 -3.30
CA PHE A 33 8.98 -27.40 -2.10
C PHE A 33 8.11 -26.19 -2.43
N ASP A 34 7.12 -25.93 -1.59
CA ASP A 34 6.25 -24.77 -1.70
C ASP A 34 5.91 -24.32 -0.28
N ALA A 35 6.57 -23.24 0.17
CA ALA A 35 6.48 -22.81 1.55
C ALA A 35 5.06 -22.36 1.92
N GLU A 36 4.37 -21.72 0.98
CA GLU A 36 3.01 -21.24 1.23
C GLU A 36 2.02 -22.39 1.44
N ARG A 37 2.10 -23.39 0.56
CA ARG A 37 1.26 -24.58 0.68
C ARG A 37 1.48 -25.28 2.03
N ASP A 38 2.74 -25.41 2.41
CA ASP A 38 3.10 -26.06 3.67
C ASP A 38 2.61 -25.26 4.89
N ALA A 39 2.75 -23.94 4.82
CA ALA A 39 2.28 -23.07 5.89
C ALA A 39 0.77 -23.15 6.04
N LEU A 40 0.06 -23.16 4.91
CA LEU A 40 -1.38 -23.27 4.91
C LEU A 40 -1.84 -24.61 5.50
N ASN A 41 -1.29 -25.70 4.97
CA ASN A 41 -1.62 -27.03 5.45
C ASN A 41 -1.32 -27.19 6.94
N ILE A 42 -0.21 -26.62 7.39
CA ILE A 42 0.15 -26.68 8.80
C ILE A 42 -0.85 -25.89 9.63
N GLU A 43 -1.27 -24.73 9.13
CA GLU A 43 -2.27 -23.93 9.81
C GLU A 43 -3.58 -24.70 9.99
N THR A 44 -4.01 -25.35 8.91
CA THR A 44 -5.25 -26.12 8.95
C THR A 44 -5.12 -27.32 9.88
N ALA A 45 -3.92 -27.92 9.94
CA ALA A 45 -3.69 -29.03 10.84
C ALA A 45 -3.76 -28.57 12.29
N ILE A 46 -3.23 -27.37 12.56
CA ILE A 46 -3.25 -26.81 13.91
C ILE A 46 -4.67 -26.47 14.34
N LYS A 47 -5.42 -25.85 13.43
CA LYS A 47 -6.76 -25.38 13.77
C LYS A 47 -7.81 -26.49 13.73
N THR A 48 -7.40 -27.68 13.27
CA THR A 48 -8.30 -28.83 13.28
C THR A 48 -8.58 -29.26 14.71
N LYS A 49 -9.84 -29.56 15.00
CA LYS A 49 -10.25 -29.98 16.34
C LYS A 49 -9.47 -31.23 16.78
N GLY A 50 -8.72 -31.09 17.87
CA GLY A 50 -7.91 -32.19 18.37
C GLY A 50 -6.49 -32.15 17.84
N VAL A 51 -6.24 -31.24 16.89
CA VAL A 51 -4.93 -31.05 16.25
C VAL A 51 -4.49 -32.25 15.42
N ASP A 52 -4.15 -32.00 14.16
CA ASP A 52 -3.68 -33.04 13.26
C ASP A 52 -2.15 -33.13 13.34
N GLU A 53 -1.65 -33.86 14.34
CA GLU A 53 -0.21 -33.99 14.54
C GLU A 53 0.46 -34.70 13.38
N VAL A 54 -0.23 -35.68 12.82
CA VAL A 54 0.28 -36.50 11.72
C VAL A 54 0.79 -35.65 10.55
N THR A 55 -0.03 -34.73 10.09
CA THR A 55 0.33 -33.86 8.96
C THR A 55 1.52 -32.97 9.31
N ILE A 56 1.48 -32.39 10.51
CA ILE A 56 2.55 -31.52 10.98
C ILE A 56 3.90 -32.24 10.97
N VAL A 57 3.91 -33.46 11.50
CA VAL A 57 5.11 -34.28 11.53
C VAL A 57 5.57 -34.64 10.12
N ASN A 58 4.62 -35.13 9.32
CA ASN A 58 4.89 -35.53 7.94
C ASN A 58 5.55 -34.42 7.14
N ILE A 59 5.06 -33.20 7.32
CA ILE A 59 5.65 -32.06 6.64
C ILE A 59 7.01 -31.70 7.24
N LEU A 60 7.03 -31.34 8.51
CA LEU A 60 8.20 -30.71 9.10
C LEU A 60 9.42 -31.64 9.13
N THR A 61 9.21 -32.93 9.37
CA THR A 61 10.34 -33.85 9.43
C THR A 61 10.86 -34.21 8.04
N ASN A 62 10.12 -33.80 7.01
CA ASN A 62 10.54 -34.09 5.64
C ASN A 62 10.85 -32.82 4.86
N ARG A 63 11.31 -31.80 5.58
CA ARG A 63 11.84 -30.57 4.99
C ARG A 63 13.20 -30.28 5.61
N SER A 64 14.11 -29.71 4.85
CA SER A 64 15.39 -29.26 5.42
C SER A 64 15.14 -28.12 6.38
N ASN A 65 16.13 -27.81 7.21
CA ASN A 65 16.00 -26.73 8.19
C ASN A 65 15.70 -25.37 7.54
N GLU A 66 16.40 -25.07 6.46
CA GLU A 66 16.22 -23.85 5.69
C GLU A 66 14.80 -23.72 5.23
N GLN A 67 14.30 -24.79 4.67
CA GLN A 67 12.93 -24.87 4.17
C GLN A 67 11.95 -24.66 5.32
N ARG A 68 12.30 -25.17 6.50
CA ARG A 68 11.48 -24.91 7.69
C ARG A 68 11.47 -23.43 8.04
N GLN A 69 12.60 -22.74 7.84
CA GLN A 69 12.62 -21.29 8.07
C GLN A 69 11.71 -20.57 7.08
N ASP A 70 11.74 -21.01 5.81
CA ASP A 70 10.84 -20.43 4.82
C ASP A 70 9.37 -20.66 5.20
N ILE A 71 9.09 -21.87 5.71
CA ILE A 71 7.73 -22.20 6.15
C ILE A 71 7.32 -21.29 7.29
N ALA A 72 8.21 -21.10 8.27
CA ALA A 72 7.94 -20.23 9.41
C ALA A 72 7.64 -18.80 8.94
N PHE A 73 8.43 -18.31 8.00
CA PHE A 73 8.23 -16.96 7.46
C PHE A 73 6.85 -16.83 6.78
N ALA A 74 6.55 -17.77 5.89
CA ALA A 74 5.26 -17.77 5.20
C ALA A 74 4.10 -17.88 6.19
N TYR A 75 4.30 -18.64 7.26
CA TYR A 75 3.25 -18.87 8.25
C TYR A 75 2.99 -17.59 9.02
N GLN A 76 4.07 -16.91 9.42
CA GLN A 76 3.92 -15.62 10.09
C GLN A 76 3.23 -14.62 9.17
N ARG A 77 3.58 -14.63 7.88
CA ARG A 77 2.96 -13.68 6.96
C ARG A 77 1.47 -13.98 6.79
N ARG A 78 1.10 -15.26 6.77
CA ARG A 78 -0.29 -15.64 6.61
C ARG A 78 -1.15 -15.37 7.85
N THR A 79 -0.69 -15.82 9.02
CA THR A 79 -1.52 -15.79 10.22
C THR A 79 -1.21 -14.63 11.17
N LYS A 80 -0.15 -13.89 10.88
CA LYS A 80 0.37 -12.85 11.77
C LYS A 80 0.75 -13.42 13.13
N LYS A 81 1.07 -14.71 13.15
CA LYS A 81 1.46 -15.40 14.37
C LYS A 81 2.72 -16.23 14.11
N GLU A 82 3.68 -16.19 15.04
CA GLU A 82 4.89 -16.99 14.91
C GLU A 82 4.54 -18.49 14.97
N LEU A 83 5.08 -19.25 14.04
CA LEU A 83 4.80 -20.67 13.93
C LEU A 83 5.21 -21.45 15.17
N ALA A 84 6.35 -21.08 15.76
CA ALA A 84 6.86 -21.77 16.94
C ALA A 84 5.91 -21.65 18.12
N SER A 85 5.27 -20.48 18.23
CA SER A 85 4.32 -20.21 19.31
C SER A 85 3.04 -21.03 19.11
N ALA A 86 2.55 -21.03 17.87
CA ALA A 86 1.36 -21.78 17.50
C ALA A 86 1.53 -23.28 17.75
N LEU A 87 2.67 -23.81 17.34
CA LEU A 87 2.94 -25.23 17.53
C LEU A 87 3.20 -25.52 19.01
N LYS A 88 3.77 -24.55 19.72
CA LYS A 88 3.98 -24.70 21.15
C LYS A 88 2.64 -24.85 21.87
N SER A 89 1.66 -24.06 21.47
CA SER A 89 0.33 -24.17 22.09
C SER A 89 -0.43 -25.40 21.59
N ALA A 90 -0.19 -25.82 20.36
CA ALA A 90 -0.92 -26.93 19.76
C ALA A 90 -0.37 -28.31 20.17
N LEU A 91 0.91 -28.37 20.48
CA LEU A 91 1.55 -29.65 20.78
C LEU A 91 1.90 -29.80 22.26
N SER A 92 2.29 -31.01 22.65
CA SER A 92 2.67 -31.30 24.02
C SER A 92 3.62 -32.50 24.07
N GLY A 93 4.14 -32.77 25.27
CA GLY A 93 5.00 -33.92 25.49
C GLY A 93 6.29 -33.83 24.69
N HIS A 94 6.83 -35.00 24.36
CA HIS A 94 8.12 -35.07 23.68
C HIS A 94 8.02 -34.61 22.22
N LEU A 95 6.85 -34.80 21.62
CA LEU A 95 6.62 -34.36 20.24
C LEU A 95 6.82 -32.85 20.10
N GLU A 96 6.33 -32.11 21.09
CA GLU A 96 6.52 -30.66 21.15
C GLU A 96 8.01 -30.33 21.17
N THR A 97 8.76 -31.05 22.00
CA THR A 97 10.20 -30.85 22.12
C THR A 97 10.88 -31.06 20.78
N VAL A 98 10.50 -32.15 20.10
CA VAL A 98 11.09 -32.46 18.80
C VAL A 98 10.78 -31.37 17.77
N ILE A 99 9.50 -31.06 17.58
CA ILE A 99 9.10 -30.08 16.57
C ILE A 99 9.73 -28.71 16.82
N LEU A 100 9.59 -28.23 18.06
CA LEU A 100 10.18 -26.94 18.43
C LEU A 100 11.69 -26.94 18.19
N GLY A 101 12.35 -28.07 18.49
CA GLY A 101 13.76 -28.20 18.17
C GLY A 101 14.06 -28.09 16.69
N LEU A 102 13.23 -28.73 15.87
CA LEU A 102 13.38 -28.72 14.42
C LEU A 102 13.18 -27.33 13.83
N LEU A 103 12.34 -26.53 14.48
CA LEU A 103 12.05 -25.20 13.97
C LEU A 103 13.22 -24.21 14.11
N LYS A 104 14.10 -24.47 15.06
CA LYS A 104 15.25 -23.57 15.29
C LYS A 104 16.37 -23.83 14.28
N THR A 105 17.10 -22.78 13.93
CA THR A 105 18.35 -22.94 13.17
C THR A 105 19.32 -23.75 14.03
N PRO A 106 20.31 -24.40 13.41
CA PRO A 106 21.24 -25.21 14.20
C PRO A 106 21.92 -24.41 15.32
N ALA A 107 22.34 -23.19 15.02
CA ALA A 107 22.98 -22.35 16.02
C ALA A 107 22.02 -21.97 17.15
N GLN A 108 20.79 -21.59 16.79
CA GLN A 108 19.78 -21.27 17.79
C GLN A 108 19.48 -22.48 18.68
N TYR A 109 19.35 -23.65 18.06
CA TYR A 109 19.07 -24.87 18.78
C TYR A 109 20.19 -25.18 19.77
N ASP A 110 21.43 -25.21 19.29
CA ASP A 110 22.57 -25.46 20.18
C ASP A 110 22.69 -24.43 21.31
N ALA A 111 22.47 -23.16 20.97
CA ALA A 111 22.52 -22.09 21.97
C ALA A 111 21.49 -22.31 23.07
N SER A 112 20.27 -22.67 22.68
CA SER A 112 19.21 -22.84 23.68
C SER A 112 19.40 -24.14 24.48
N GLU A 113 20.00 -25.14 23.86
CA GLU A 113 20.31 -26.36 24.60
C GLU A 113 21.41 -26.10 25.63
N LEU A 114 22.41 -25.30 25.25
CA LEU A 114 23.48 -24.92 26.17
C LEU A 114 22.91 -24.13 27.36
N LYS A 115 22.15 -23.09 27.04
CA LYS A 115 21.50 -22.29 28.05
C LYS A 115 20.68 -23.18 29.00
N ALA A 116 19.88 -24.07 28.43
CA ALA A 116 19.06 -24.97 29.24
C ALA A 116 19.94 -25.88 30.13
N SER A 117 21.12 -26.23 29.63
CA SER A 117 22.03 -27.08 30.38
C SER A 117 22.64 -26.32 31.55
N MET A 118 22.76 -25.00 31.42
CA MET A 118 23.31 -24.21 32.52
C MET A 118 22.27 -23.47 33.34
N LYS A 119 21.05 -23.34 32.82
CA LYS A 119 19.99 -22.63 33.54
C LYS A 119 19.60 -23.38 34.81
N GLY A 120 19.48 -22.64 35.91
CA GLY A 120 19.17 -23.23 37.20
C GLY A 120 20.41 -23.81 37.85
N LEU A 121 20.45 -23.76 39.18
CA LEU A 121 21.63 -24.20 39.95
C LEU A 121 22.10 -25.61 39.62
N GLY A 122 21.19 -26.45 39.13
CA GLY A 122 21.51 -27.81 38.76
C GLY A 122 21.99 -27.93 37.32
N THR A 123 23.29 -27.75 37.13
CA THR A 123 23.90 -27.82 35.79
C THR A 123 23.86 -29.24 35.22
N ASP A 124 23.47 -29.34 33.95
CA ASP A 124 23.47 -30.62 33.23
C ASP A 124 24.80 -30.79 32.49
N GLU A 125 25.81 -31.35 33.16
CA GLU A 125 27.13 -31.47 32.56
C GLU A 125 27.14 -32.32 31.30
N ASP A 126 26.33 -33.38 31.25
CA ASP A 126 26.33 -34.27 30.08
C ASP A 126 25.98 -33.55 28.77
N SER A 127 24.95 -32.71 28.79
CA SER A 127 24.51 -32.00 27.59
C SER A 127 25.55 -30.95 27.16
N LEU A 128 25.99 -30.18 28.15
CA LEU A 128 27.02 -29.17 27.94
C LEU A 128 28.24 -29.80 27.26
N ILE A 129 28.72 -30.87 27.85
CA ILE A 129 29.85 -31.62 27.32
C ILE A 129 29.59 -32.13 25.90
N GLU A 130 28.44 -32.75 25.68
CA GLU A 130 28.12 -33.26 24.35
C GLU A 130 28.23 -32.18 23.27
N ILE A 131 27.57 -31.06 23.52
CA ILE A 131 27.57 -29.98 22.55
C ILE A 131 28.97 -29.37 22.37
N ILE A 132 29.60 -28.98 23.47
CA ILE A 132 30.90 -28.30 23.37
C ILE A 132 32.01 -29.19 22.80
N CYS A 133 31.97 -30.49 23.10
CA CYS A 133 32.97 -31.42 22.60
C CYS A 133 32.71 -31.87 21.17
N SER A 134 31.45 -31.87 20.71
CA SER A 134 31.23 -32.37 19.34
C SER A 134 31.21 -31.31 18.24
N ARG A 135 31.06 -30.03 18.59
CA ARG A 135 30.92 -28.99 17.57
C ARG A 135 32.26 -28.48 17.01
N THR A 136 32.28 -28.19 15.71
CA THR A 136 33.46 -27.72 15.01
C THR A 136 33.71 -26.21 15.23
N ASN A 137 34.85 -25.70 14.74
CA ASN A 137 35.16 -24.28 14.86
C ASN A 137 34.04 -23.36 14.37
N GLN A 138 33.58 -23.61 13.15
CA GLN A 138 32.56 -22.77 12.50
C GLN A 138 31.24 -22.78 13.25
N GLU A 139 30.82 -24.00 13.59
CA GLU A 139 29.60 -24.21 14.33
C GLU A 139 29.65 -23.45 15.64
N LEU A 140 30.79 -23.50 16.32
CA LEU A 140 30.97 -22.81 17.59
C LEU A 140 31.08 -21.28 17.46
N GLN A 141 31.63 -20.79 16.36
CA GLN A 141 31.68 -19.36 16.13
C GLN A 141 30.25 -18.84 16.04
N GLU A 142 29.47 -19.52 15.19
CA GLU A 142 28.09 -19.11 15.00
C GLU A 142 27.29 -19.28 16.30
N ILE A 143 27.64 -20.30 17.09
CA ILE A 143 26.97 -20.53 18.38
C ILE A 143 27.28 -19.42 19.38
N ASN A 144 28.54 -19.02 19.50
CA ASN A 144 28.92 -17.91 20.36
C ASN A 144 28.16 -16.65 19.96
N ARG A 145 28.16 -16.36 18.66
CA ARG A 145 27.45 -15.18 18.16
C ARG A 145 25.96 -15.20 18.52
N VAL A 146 25.30 -16.29 18.16
CA VAL A 146 23.85 -16.40 18.32
C VAL A 146 23.43 -16.47 19.79
N TYR A 147 24.24 -17.14 20.62
CA TYR A 147 24.03 -17.19 22.06
C TYR A 147 24.09 -15.78 22.62
N LYS A 148 25.11 -15.03 22.22
CA LYS A 148 25.22 -13.64 22.67
C LYS A 148 24.00 -12.83 22.25
N GLU A 149 23.51 -13.05 21.02
CA GLU A 149 22.33 -12.32 20.55
C GLU A 149 21.06 -12.69 21.32
N MET A 150 20.91 -13.98 21.64
CA MET A 150 19.69 -14.49 22.26
C MET A 150 19.61 -14.16 23.75
N TYR A 151 20.72 -14.23 24.45
CA TYR A 151 20.67 -14.15 25.91
C TYR A 151 21.42 -12.96 26.49
N LYS A 152 22.00 -12.14 25.63
CA LYS A 152 22.66 -10.89 26.02
C LYS A 152 23.83 -11.12 26.97
N THR A 153 24.36 -12.34 26.95
CA THR A 153 25.53 -12.69 27.75
C THR A 153 26.41 -13.63 26.94
N ASP A 154 27.73 -13.46 27.08
CA ASP A 154 28.68 -14.34 26.42
C ASP A 154 28.54 -15.76 26.94
N LEU A 155 28.55 -16.73 26.02
CA LEU A 155 28.51 -18.14 26.39
C LEU A 155 29.61 -18.48 27.39
N GLU A 156 30.81 -17.96 27.14
CA GLU A 156 31.97 -18.22 28.00
C GLU A 156 31.73 -17.82 29.45
N LYS A 157 31.05 -16.68 29.65
CA LYS A 157 30.80 -16.19 31.00
C LYS A 157 29.80 -17.09 31.74
N ASP A 158 28.81 -17.60 31.03
CA ASP A 158 27.86 -18.54 31.62
C ASP A 158 28.56 -19.86 31.96
N ILE A 159 29.44 -20.32 31.07
CA ILE A 159 30.22 -21.53 31.33
C ILE A 159 31.04 -21.37 32.59
N ILE A 160 31.76 -20.25 32.68
CA ILE A 160 32.58 -19.93 33.84
C ILE A 160 31.73 -19.87 35.11
N SER A 161 30.55 -19.28 35.00
CA SER A 161 29.64 -19.20 36.14
C SER A 161 29.14 -20.57 36.60
N ASP A 162 28.94 -21.49 35.68
CA ASP A 162 28.35 -22.77 36.05
C ASP A 162 29.31 -23.97 36.10
N THR A 163 30.60 -23.73 35.87
CA THR A 163 31.61 -24.78 35.98
C THR A 163 32.81 -24.34 36.84
N SER A 164 33.65 -25.29 37.22
CA SER A 164 34.84 -24.95 37.98
C SER A 164 35.96 -25.97 37.78
N GLY A 165 37.18 -25.55 38.12
CA GLY A 165 38.36 -26.38 37.96
C GLY A 165 38.83 -26.55 36.52
N ASP A 166 39.59 -27.62 36.31
CA ASP A 166 40.09 -27.91 34.99
C ASP A 166 38.94 -28.26 34.05
N PHE A 167 37.81 -28.70 34.60
CA PHE A 167 36.63 -28.94 33.79
C PHE A 167 36.19 -27.62 33.15
N ARG A 168 36.16 -26.57 33.96
CA ARG A 168 35.88 -25.23 33.47
C ARG A 168 36.91 -24.82 32.43
N LYS A 169 38.18 -25.00 32.74
CA LYS A 169 39.23 -24.60 31.80
C LYS A 169 39.08 -25.29 30.42
N LEU A 170 38.77 -26.59 30.45
CA LEU A 170 38.59 -27.38 29.23
C LEU A 170 37.36 -26.92 28.44
N MET A 171 36.24 -26.73 29.14
CA MET A 171 35.02 -26.26 28.46
C MET A 171 35.23 -24.89 27.82
N VAL A 172 35.85 -23.98 28.55
CA VAL A 172 36.11 -22.63 28.04
C VAL A 172 37.05 -22.68 26.84
N ALA A 173 38.11 -23.50 26.94
CA ALA A 173 39.05 -23.66 25.84
C ALA A 173 38.36 -24.17 24.58
N LEU A 174 37.57 -25.24 24.72
CA LEU A 174 36.86 -25.80 23.58
C LEU A 174 35.83 -24.83 22.97
N ALA A 175 35.12 -24.10 23.84
CA ALA A 175 34.03 -23.23 23.40
C ALA A 175 34.51 -22.08 22.52
N LYS A 176 35.78 -21.71 22.66
CA LYS A 176 36.37 -20.64 21.86
C LYS A 176 36.33 -21.00 20.38
N GLY A 177 36.32 -22.30 20.09
CA GLY A 177 36.28 -22.78 18.71
C GLY A 177 37.41 -22.24 17.86
N ARG A 178 38.62 -22.30 18.39
CA ARG A 178 39.80 -21.83 17.67
C ARG A 178 40.85 -22.92 17.50
N ARG A 179 40.38 -24.16 17.35
CA ARG A 179 41.25 -25.28 17.04
C ARG A 179 41.99 -25.01 15.73
N ALA A 180 43.25 -25.42 15.64
CA ALA A 180 44.01 -25.29 14.40
C ALA A 180 43.28 -26.04 13.29
N GLU A 181 43.25 -25.46 12.10
CA GLU A 181 42.58 -26.09 10.97
C GLU A 181 43.44 -27.22 10.41
N ASP A 182 42.79 -28.12 9.67
CA ASP A 182 43.48 -29.26 9.08
C ASP A 182 44.54 -28.82 8.07
N GLY A 183 45.79 -29.12 8.36
CA GLY A 183 46.87 -28.76 7.47
C GLY A 183 46.98 -29.69 6.27
N SER A 184 47.86 -29.35 5.34
CA SER A 184 48.08 -30.16 4.15
C SER A 184 49.27 -31.10 4.33
N VAL A 185 50.08 -30.83 5.34
CA VAL A 185 51.23 -31.67 5.63
C VAL A 185 51.04 -32.41 6.96
N ILE A 186 51.53 -33.65 7.00
CA ILE A 186 51.48 -34.42 8.23
C ILE A 186 52.73 -34.15 9.06
N ASP A 187 52.55 -33.62 10.26
CA ASP A 187 53.69 -33.25 11.09
C ASP A 187 54.09 -34.40 12.01
N TYR A 188 54.83 -35.35 11.45
CA TYR A 188 55.19 -36.59 12.16
C TYR A 188 55.97 -36.33 13.45
N GLU A 189 56.88 -35.37 13.41
CA GLU A 189 57.69 -35.03 14.57
C GLU A 189 56.82 -34.48 15.70
N LEU A 190 55.88 -33.60 15.35
CA LEU A 190 54.97 -33.05 16.32
C LEU A 190 53.99 -34.11 16.80
N ILE A 191 53.63 -35.05 15.93
CA ILE A 191 52.76 -36.15 16.35
C ILE A 191 53.47 -36.93 17.46
N ASP A 192 54.71 -37.30 17.21
CA ASP A 192 55.49 -38.04 18.21
C ASP A 192 55.66 -37.24 19.51
N GLN A 193 56.01 -35.96 19.38
CA GLN A 193 56.24 -35.14 20.56
C GLN A 193 54.97 -34.92 21.39
N ASP A 194 53.83 -34.75 20.73
CA ASP A 194 52.55 -34.63 21.41
C ASP A 194 52.20 -35.94 22.12
N ALA A 195 52.48 -37.07 21.47
CA ALA A 195 52.26 -38.37 22.12
C ALA A 195 53.09 -38.48 23.41
N ARG A 196 54.37 -38.15 23.30
CA ARG A 196 55.25 -38.17 24.46
C ARG A 196 54.75 -37.26 25.56
N ASP A 197 54.36 -36.05 25.20
CA ASP A 197 53.89 -35.07 26.17
C ASP A 197 52.63 -35.56 26.89
N LEU A 198 51.71 -36.16 26.13
CA LEU A 198 50.49 -36.70 26.72
C LEU A 198 50.84 -37.81 27.71
N TYR A 199 51.77 -38.67 27.32
CA TYR A 199 52.20 -39.75 28.23
C TYR A 199 52.85 -39.20 29.50
N ASP A 200 53.78 -38.27 29.34
CA ASP A 200 54.54 -37.68 30.43
C ASP A 200 53.62 -36.92 31.40
N ALA A 201 52.60 -36.27 30.85
CA ALA A 201 51.70 -35.45 31.66
C ALA A 201 50.73 -36.30 32.46
N GLY A 202 50.61 -37.57 32.11
CA GLY A 202 49.61 -38.43 32.73
C GLY A 202 50.12 -39.70 33.36
N VAL A 203 50.00 -40.81 32.63
CA VAL A 203 50.30 -42.15 33.14
C VAL A 203 51.72 -42.29 33.70
N LYS A 204 52.68 -41.61 33.08
CA LYS A 204 54.07 -41.73 33.49
C LYS A 204 54.34 -41.08 34.85
N ARG A 205 53.50 -40.14 35.25
CA ARG A 205 53.77 -39.39 36.48
C ARG A 205 52.69 -39.57 37.54
N LYS A 206 53.04 -39.21 38.78
CA LYS A 206 52.08 -39.15 39.86
C LYS A 206 51.18 -37.94 39.63
N GLY A 207 49.88 -38.15 39.69
CA GLY A 207 48.95 -37.08 39.39
C GLY A 207 48.92 -36.79 37.90
N THR A 208 48.31 -35.68 37.53
CA THR A 208 48.14 -35.34 36.11
C THR A 208 48.48 -33.87 35.85
N ASP A 209 49.20 -33.63 34.76
CA ASP A 209 49.40 -32.27 34.26
C ASP A 209 48.26 -31.96 33.31
N VAL A 210 47.09 -31.64 33.87
CA VAL A 210 45.89 -31.42 33.08
C VAL A 210 46.01 -30.28 32.04
N PRO A 211 46.64 -29.14 32.40
CA PRO A 211 46.76 -28.09 31.37
C PRO A 211 47.50 -28.54 30.09
N LYS A 212 48.43 -29.48 30.21
CA LYS A 212 49.12 -30.00 29.02
C LYS A 212 48.15 -30.74 28.12
N TRP A 213 47.37 -31.63 28.73
CA TRP A 213 46.30 -32.36 28.03
C TRP A 213 45.33 -31.41 27.37
N ILE A 214 44.95 -30.35 28.09
CA ILE A 214 43.99 -29.39 27.57
C ILE A 214 44.57 -28.68 26.35
N SER A 215 45.80 -28.20 26.48
CA SER A 215 46.48 -27.51 25.37
C SER A 215 46.52 -28.39 24.14
N ILE A 216 47.06 -29.60 24.29
CA ILE A 216 47.23 -30.47 23.14
C ILE A 216 45.89 -30.86 22.52
N MET A 217 44.94 -31.26 23.35
CA MET A 217 43.67 -31.79 22.83
C MET A 217 42.67 -30.72 22.37
N THR A 218 42.89 -29.47 22.74
CA THR A 218 42.01 -28.41 22.24
C THR A 218 42.63 -27.62 21.08
N GLU A 219 43.96 -27.57 21.01
CA GLU A 219 44.59 -26.72 19.99
C GLU A 219 44.94 -27.41 18.67
N ARG A 220 45.36 -28.69 18.71
CA ARG A 220 45.75 -29.39 17.49
C ARG A 220 44.55 -29.76 16.62
N SER A 221 44.78 -29.84 15.31
CA SER A 221 43.75 -30.27 14.37
C SER A 221 43.28 -31.69 14.67
N VAL A 222 42.07 -32.03 14.25
CA VAL A 222 41.51 -33.36 14.50
C VAL A 222 42.32 -34.52 13.88
N PRO A 223 42.70 -34.42 12.58
CA PRO A 223 43.49 -35.53 12.01
C PRO A 223 44.84 -35.74 12.69
N HIS A 224 45.50 -34.61 12.99
CA HIS A 224 46.73 -34.63 13.74
C HIS A 224 46.54 -35.40 15.04
N LEU A 225 45.46 -35.10 15.75
CA LEU A 225 45.22 -35.71 17.05
C LEU A 225 44.85 -37.18 16.93
N GLN A 226 44.22 -37.57 15.83
CA GLN A 226 43.95 -38.98 15.58
C GLN A 226 45.29 -39.72 15.48
N LYS A 227 46.20 -39.15 14.70
CA LYS A 227 47.53 -39.74 14.59
C LYS A 227 48.28 -39.74 15.94
N VAL A 228 48.11 -38.67 16.71
CA VAL A 228 48.75 -38.53 18.02
C VAL A 228 48.26 -39.60 18.98
N PHE A 229 46.95 -39.86 18.97
CA PHE A 229 46.37 -40.87 19.84
C PHE A 229 46.84 -42.25 19.39
N ASP A 230 47.04 -42.44 18.09
CA ASP A 230 47.56 -43.72 17.61
CA ASP A 230 47.58 -43.70 17.57
C ASP A 230 49.02 -43.92 18.05
N ARG A 231 49.83 -42.87 17.98
CA ARG A 231 51.23 -42.92 18.38
C ARG A 231 51.37 -43.06 19.89
N TYR A 232 50.38 -42.55 20.62
CA TYR A 232 50.38 -42.57 22.07
C TYR A 232 50.42 -44.01 22.58
N LYS A 233 49.77 -44.91 21.85
CA LYS A 233 49.73 -46.33 22.20
C LYS A 233 51.12 -46.97 22.20
N SER A 234 52.04 -46.35 21.47
CA SER A 234 53.43 -46.85 21.42
C SER A 234 54.16 -46.58 22.72
N TYR A 235 53.83 -45.46 23.37
CA TYR A 235 54.48 -45.08 24.62
C TYR A 235 53.75 -45.62 25.85
N SER A 236 52.42 -45.62 25.81
CA SER A 236 51.62 -45.99 26.96
C SER A 236 51.03 -47.40 26.84
N PRO A 237 50.98 -48.12 27.96
CA PRO A 237 50.35 -49.46 27.99
C PRO A 237 48.82 -49.38 27.86
N TYR A 238 48.26 -48.20 28.08
CA TYR A 238 46.82 -47.99 27.91
C TYR A 238 46.59 -46.93 26.83
N ASP A 239 45.50 -47.05 26.08
CA ASP A 239 45.19 -46.05 25.05
C ASP A 239 44.69 -44.77 25.71
N MET A 240 44.30 -43.79 24.90
CA MET A 240 43.97 -42.48 25.44
C MET A 240 42.76 -42.53 26.37
N LEU A 241 41.71 -43.24 25.97
CA LEU A 241 40.49 -43.33 26.77
C LEU A 241 40.76 -44.01 28.11
N GLU A 242 41.42 -45.16 28.09
CA GLU A 242 41.78 -45.89 29.30
CA GLU A 242 41.74 -45.86 29.33
C GLU A 242 42.62 -45.01 30.22
N SER A 243 43.57 -44.31 29.61
CA SER A 243 44.44 -43.41 30.36
C SER A 243 43.62 -42.32 31.05
N ILE A 244 42.61 -41.81 30.35
CA ILE A 244 41.73 -40.80 30.93
C ILE A 244 41.01 -41.40 32.13
N ARG A 245 40.48 -42.61 31.95
CA ARG A 245 39.78 -43.28 33.04
C ARG A 245 40.67 -43.50 34.27
N LYS A 246 41.97 -43.68 34.03
CA LYS A 246 42.89 -43.88 35.15
C LYS A 246 43.40 -42.59 35.80
N GLU A 247 43.47 -41.52 35.02
CA GLU A 247 44.11 -40.29 35.47
C GLU A 247 43.16 -39.32 36.18
N VAL A 248 41.95 -39.20 35.66
CA VAL A 248 41.01 -38.21 36.16
C VAL A 248 39.65 -38.82 36.49
N LYS A 249 38.80 -38.04 37.15
CA LYS A 249 37.46 -38.50 37.50
C LYS A 249 36.42 -37.41 37.36
N GLY A 250 35.16 -37.78 37.53
CA GLY A 250 34.06 -36.83 37.54
C GLY A 250 33.82 -36.12 36.22
N ASP A 251 33.43 -34.86 36.32
CA ASP A 251 33.12 -34.04 35.15
C ASP A 251 34.30 -33.98 34.19
N LEU A 252 35.50 -33.76 34.73
CA LEU A 252 36.71 -33.67 33.91
C LEU A 252 36.93 -34.93 33.08
N GLU A 253 36.80 -36.09 33.74
CA GLU A 253 36.93 -37.37 33.05
C GLU A 253 35.88 -37.52 31.97
N ASN A 254 34.65 -37.22 32.31
CA ASN A 254 33.54 -37.29 31.36
C ASN A 254 33.82 -36.45 30.11
N ALA A 255 34.27 -35.22 30.34
CA ALA A 255 34.61 -34.28 29.27
C ALA A 255 35.73 -34.83 28.39
N PHE A 256 36.84 -35.26 28.98
CA PHE A 256 37.93 -35.81 28.19
C PHE A 256 37.50 -37.04 27.38
N LEU A 257 36.75 -37.95 27.99
CA LEU A 257 36.27 -39.15 27.29
C LEU A 257 35.41 -38.78 26.08
N ASN A 258 34.47 -37.86 26.30
CA ASN A 258 33.62 -37.37 25.21
C ASN A 258 34.44 -36.74 24.09
N LEU A 259 35.40 -35.89 24.47
CA LEU A 259 36.24 -35.21 23.49
C LEU A 259 37.06 -36.18 22.65
N VAL A 260 37.72 -37.12 23.31
CA VAL A 260 38.56 -38.08 22.58
C VAL A 260 37.68 -38.93 21.67
N GLN A 261 36.50 -39.31 22.14
CA GLN A 261 35.58 -40.03 21.26
C GLN A 261 35.19 -39.21 20.02
N CYS A 262 34.90 -37.92 20.22
CA CYS A 262 34.53 -37.06 19.09
C CYS A 262 35.67 -36.91 18.09
N ILE A 263 36.89 -36.84 18.60
CA ILE A 263 38.06 -36.74 17.75
C ILE A 263 38.29 -38.03 16.96
N GLN A 264 38.20 -39.18 17.63
CA GLN A 264 38.50 -40.47 16.99
C GLN A 264 37.41 -40.90 16.00
N ASN A 265 36.15 -40.76 16.39
CA ASN A 265 35.02 -41.19 15.56
C ASN A 265 33.72 -40.57 16.05
N LYS A 266 33.39 -39.39 15.52
CA LYS A 266 32.20 -38.66 15.97
C LYS A 266 30.88 -39.42 15.69
N PRO A 267 30.71 -40.00 14.48
CA PRO A 267 29.49 -40.78 14.27
C PRO A 267 29.32 -41.92 15.27
N LEU A 268 30.41 -42.61 15.59
CA LEU A 268 30.36 -43.69 16.58
C LEU A 268 30.01 -43.12 17.95
N TYR A 269 30.57 -41.97 18.26
CA TYR A 269 30.26 -41.27 19.51
C TYR A 269 28.76 -41.07 19.64
N PHE A 270 28.14 -40.53 18.59
CA PHE A 270 26.71 -40.27 18.64
C PHE A 270 25.89 -41.56 18.66
N ALA A 271 26.35 -42.59 17.95
CA ALA A 271 25.70 -43.90 18.01
C ALA A 271 25.66 -44.46 19.43
N ASP A 272 26.80 -44.39 20.12
CA ASP A 272 26.90 -44.87 21.50
C ASP A 272 26.04 -44.02 22.44
N ARG A 273 25.99 -42.70 22.20
CA ARG A 273 25.13 -41.86 23.03
C ARG A 273 23.65 -42.20 22.84
N LEU A 274 23.26 -42.50 21.60
CA LEU A 274 21.89 -42.89 21.32
C LEU A 274 21.54 -44.21 22.03
N TYR A 275 22.43 -45.20 21.85
CA TYR A 275 22.28 -46.48 22.54
C TYR A 275 22.10 -46.27 24.04
N ASP A 276 22.97 -45.46 24.64
CA ASP A 276 22.89 -45.19 26.07
C ASP A 276 21.56 -44.54 26.43
N SER A 277 21.07 -43.66 25.55
CA SER A 277 19.82 -42.97 25.83
C SER A 277 18.63 -43.94 25.79
N MET A 278 18.75 -45.05 25.06
CA MET A 278 17.62 -45.99 25.01
C MET A 278 17.79 -47.38 25.68
N LYS A 279 19.02 -47.79 25.94
CA LYS A 279 19.27 -49.18 26.35
C LYS A 279 18.52 -49.65 27.61
N GLY A 280 18.34 -48.76 28.58
CA GLY A 280 17.81 -49.15 29.87
C GLY A 280 16.33 -48.87 30.09
N LYS A 281 15.93 -48.84 31.36
CA LYS A 281 14.59 -48.46 31.75
C LYS A 281 14.24 -47.07 31.19
N GLY A 282 13.07 -46.96 30.55
CA GLY A 282 12.63 -45.70 29.98
C GLY A 282 13.58 -45.16 28.93
N THR A 283 13.58 -43.84 28.77
CA THR A 283 14.35 -43.17 27.73
C THR A 283 14.97 -41.88 28.25
N ARG A 284 16.19 -41.60 27.83
CA ARG A 284 16.77 -40.28 28.07
C ARG A 284 16.36 -39.37 26.92
N ASP A 285 15.08 -39.00 26.90
CA ASP A 285 14.48 -38.31 25.76
C ASP A 285 15.22 -37.04 25.34
N LYS A 286 15.71 -36.27 26.30
CA LYS A 286 16.44 -35.05 25.99
C LYS A 286 17.62 -35.30 25.03
N VAL A 287 18.42 -36.30 25.36
CA VAL A 287 19.61 -36.64 24.58
C VAL A 287 19.22 -37.22 23.22
N LEU A 288 18.29 -38.16 23.24
CA LEU A 288 17.80 -38.80 22.03
C LEU A 288 17.29 -37.76 21.02
N ILE A 289 16.38 -36.92 21.47
CA ILE A 289 15.81 -35.86 20.65
C ILE A 289 16.88 -34.91 20.16
N ARG A 290 17.74 -34.41 21.06
CA ARG A 290 18.76 -33.46 20.63
C ARG A 290 19.66 -34.06 19.54
N ILE A 291 20.04 -35.33 19.70
CA ILE A 291 20.90 -35.95 18.71
C ILE A 291 20.17 -36.15 17.38
N MET A 292 18.92 -36.61 17.43
CA MET A 292 18.18 -36.84 16.20
C MET A 292 17.94 -35.52 15.44
N VAL A 293 17.73 -34.43 16.17
CA VAL A 293 17.51 -33.14 15.53
C VAL A 293 18.82 -32.54 14.99
N SER A 294 19.86 -32.53 15.80
CA SER A 294 21.08 -31.79 15.46
C SER A 294 21.96 -32.52 14.42
N ARG A 295 21.83 -33.83 14.31
CA ARG A 295 22.67 -34.58 13.39
C ARG A 295 21.92 -35.00 12.14
N SER A 296 20.62 -34.69 12.08
CA SER A 296 19.76 -35.09 10.98
C SER A 296 20.25 -34.61 9.60
N GLU A 297 20.96 -33.48 9.58
CA GLU A 297 21.47 -32.97 8.30
C GLU A 297 22.99 -32.90 8.32
N VAL A 298 23.61 -33.64 9.22
CA VAL A 298 25.07 -33.66 9.31
C VAL A 298 25.64 -35.04 8.97
N ASP A 299 25.50 -35.99 9.89
CA ASP A 299 26.09 -37.31 9.68
C ASP A 299 25.21 -38.48 10.16
N MET A 300 23.89 -38.32 10.09
CA MET A 300 22.98 -39.36 10.56
C MET A 300 23.17 -40.68 9.80
N LEU A 301 23.59 -40.63 8.54
CA LEU A 301 23.79 -41.86 7.79
C LEU A 301 24.99 -42.65 8.33
N LYS A 302 26.04 -41.94 8.70
CA LYS A 302 27.21 -42.56 9.30
C LYS A 302 26.90 -43.04 10.72
N ILE A 303 26.12 -42.26 11.45
CA ILE A 303 25.67 -42.68 12.79
C ILE A 303 24.89 -43.99 12.70
N ARG A 304 23.97 -44.06 11.74
CA ARG A 304 23.19 -45.27 11.51
C ARG A 304 24.08 -46.45 11.14
N SER A 305 25.06 -46.20 10.26
CA SER A 305 25.98 -47.26 9.85
C SER A 305 26.77 -47.82 11.05
N GLU A 306 27.37 -46.92 11.83
CA GLU A 306 28.13 -47.30 13.01
C GLU A 306 27.26 -48.06 14.02
N PHE A 307 26.04 -47.56 14.21
CA PHE A 307 25.10 -48.14 15.16
C PHE A 307 24.74 -49.58 14.76
N LYS A 308 24.32 -49.74 13.51
CA LYS A 308 23.94 -51.06 13.02
C LYS A 308 25.11 -52.02 13.08
N ARG A 309 26.30 -51.52 12.74
CA ARG A 309 27.50 -52.35 12.79
C ARG A 309 27.80 -52.84 14.21
N LYS A 310 27.74 -51.93 15.18
CA LYS A 310 28.12 -52.28 16.54
C LYS A 310 27.06 -53.09 17.29
N TYR A 311 25.81 -52.65 17.21
CA TYR A 311 24.75 -53.21 18.06
C TYR A 311 23.93 -54.30 17.38
N GLY A 312 24.09 -54.44 16.06
CA GLY A 312 23.50 -55.56 15.35
C GLY A 312 22.09 -55.32 14.86
N LYS A 313 21.41 -54.38 15.50
CA LYS A 313 20.09 -53.94 15.05
C LYS A 313 20.17 -52.46 14.70
N SER A 314 19.22 -51.97 13.94
CA SER A 314 19.26 -50.59 13.45
C SER A 314 18.86 -49.58 14.52
N LEU A 315 19.29 -48.34 14.34
CA LEU A 315 18.85 -47.24 15.18
C LEU A 315 17.33 -47.14 15.13
N TYR A 316 16.80 -47.30 13.92
CA TYR A 316 15.37 -47.34 13.66
C TYR A 316 14.67 -48.32 14.60
N TYR A 317 15.22 -49.52 14.71
CA TYR A 317 14.68 -50.56 15.59
C TYR A 317 14.61 -50.09 17.04
N TYR A 318 15.70 -49.52 17.53
CA TYR A 318 15.77 -49.12 18.93
C TYR A 318 14.80 -47.99 19.25
N ILE A 319 14.76 -47.00 18.37
CA ILE A 319 13.77 -45.92 18.49
C ILE A 319 12.37 -46.50 18.52
N GLN A 320 12.11 -47.44 17.61
CA GLN A 320 10.81 -48.06 17.49
C GLN A 320 10.41 -48.79 18.77
N GLN A 321 11.38 -49.41 19.44
CA GLN A 321 11.08 -50.13 20.68
C GLN A 321 10.96 -49.19 21.88
N ASP A 322 11.63 -48.05 21.84
CA ASP A 322 11.66 -47.18 23.02
C ASP A 322 10.62 -46.06 23.06
N THR A 323 10.11 -45.68 21.88
CA THR A 323 9.16 -44.57 21.80
C THR A 323 7.87 -45.01 21.12
N LYS A 324 6.82 -44.19 21.26
CA LYS A 324 5.52 -44.53 20.70
C LYS A 324 4.83 -43.30 20.09
N GLY A 325 3.79 -43.57 19.30
CA GLY A 325 2.95 -42.51 18.76
C GLY A 325 3.60 -41.58 17.76
N ASP A 326 3.02 -40.40 17.62
CA ASP A 326 3.50 -39.38 16.69
C ASP A 326 4.93 -38.97 16.99
N TYR A 327 5.29 -39.03 18.26
CA TYR A 327 6.66 -38.79 18.72
C TYR A 327 7.62 -39.79 18.06
N GLN A 328 7.27 -41.07 18.21
CA GLN A 328 8.02 -42.14 17.56
C GLN A 328 8.11 -41.91 16.06
N LYS A 329 6.98 -41.56 15.45
CA LYS A 329 6.95 -41.37 13.99
C LYS A 329 7.90 -40.24 13.57
N ALA A 330 7.91 -39.15 14.34
CA ALA A 330 8.80 -38.03 14.05
C ALA A 330 10.26 -38.44 14.16
N LEU A 331 10.61 -39.13 15.25
CA LEU A 331 11.98 -39.59 15.42
C LEU A 331 12.40 -40.54 14.31
N LEU A 332 11.49 -41.39 13.87
CA LEU A 332 11.79 -42.35 12.81
C LEU A 332 11.97 -41.64 11.48
N TYR A 333 11.17 -40.61 11.24
CA TYR A 333 11.35 -39.77 10.07
C TYR A 333 12.74 -39.13 10.09
N LEU A 334 13.12 -38.57 11.23
CA LEU A 334 14.45 -37.97 11.36
C LEU A 334 15.56 -39.02 11.19
N CYS A 335 15.26 -40.27 11.52
CA CYS A 335 16.21 -41.36 11.34
C CYS A 335 16.50 -41.56 9.85
N GLY A 336 15.46 -41.56 9.04
CA GLY A 336 15.62 -41.63 7.60
C GLY A 336 15.17 -42.93 6.99
N GLY A 337 15.25 -44.01 7.76
CA GLY A 337 14.87 -45.32 7.29
C GLY A 337 15.47 -46.43 8.12
N ASP A 338 15.13 -47.67 7.78
CA ASP A 338 15.64 -48.83 8.50
C ASP A 338 17.08 -49.12 8.08
N ASP A 339 17.86 -49.67 9.02
CA ASP A 339 19.30 -49.89 8.84
C ASP A 339 20.04 -48.59 8.50
C ACE B 1 26.36 -4.43 2.18
O ACE B 1 26.78 -3.28 1.99
CH3 ACE B 1 26.07 -4.96 3.55
N SER B 2 26.36 -5.34 1.21
CA SER B 2 26.62 -4.97 -0.18
C SER B 2 25.48 -4.14 -0.75
N THR B 3 24.24 -4.49 -0.39
CA THR B 3 23.08 -3.72 -0.82
C THR B 3 23.13 -2.34 -0.18
N VAL B 4 23.52 -2.29 1.09
CA VAL B 4 23.62 -1.04 1.82
C VAL B 4 24.63 -0.11 1.17
N HIS B 5 25.76 -0.66 0.74
CA HIS B 5 26.77 0.10 0.02
C HIS B 5 26.19 0.83 -1.21
N GLU B 6 25.57 0.04 -2.08
CA GLU B 6 24.96 0.54 -3.30
C GLU B 6 23.88 1.58 -3.01
N ILE B 7 23.04 1.29 -2.01
CA ILE B 7 21.98 2.21 -1.60
C ILE B 7 22.59 3.54 -1.16
N LEU B 8 23.65 3.49 -0.37
CA LEU B 8 24.32 4.70 0.09
C LEU B 8 24.86 5.51 -1.08
N CYS B 9 25.48 4.82 -2.05
CA CYS B 9 25.95 5.52 -3.25
C CYS B 9 24.78 6.24 -3.95
N LYS B 10 23.67 5.53 -4.13
CA LYS B 10 22.47 6.12 -4.71
C LYS B 10 21.96 7.34 -3.93
N LEU B 11 21.96 7.23 -2.61
CA LEU B 11 21.49 8.30 -1.73
C LEU B 11 22.34 9.54 -1.90
N SER B 12 23.65 9.33 -1.99
CA SER B 12 24.58 10.43 -2.26
C SER B 12 24.24 11.05 -3.60
N LEU B 13 23.89 10.22 -4.58
CA LEU B 13 23.45 10.74 -5.88
C LEU B 13 22.19 11.60 -5.75
N GLU B 14 21.28 11.22 -4.86
CA GLU B 14 20.01 11.92 -4.69
C GLU B 14 20.14 13.25 -3.93
N GLY B 15 21.04 13.30 -2.96
CA GLY B 15 21.18 14.47 -2.11
C GLY B 15 20.08 14.50 -1.07
N ASP B 16 20.16 15.44 -0.12
CA ASP B 16 19.15 15.51 0.94
C ASP B 16 18.20 16.65 0.65
N HIS B 17 17.75 16.74 -0.60
CA HIS B 17 16.69 17.66 -0.98
C HIS B 17 15.54 17.13 -0.11
N SER B 18 15.24 17.85 0.96
CA SER B 18 14.31 17.37 1.98
C SER B 18 13.22 18.42 2.19
N THR B 19 12.70 18.93 1.10
CA THR B 19 11.48 19.73 1.10
C THR B 19 10.54 19.07 0.10
N PRO B 20 9.24 19.41 0.13
CA PRO B 20 8.36 18.88 -0.91
C PRO B 20 8.93 19.14 -2.30
N PRO B 21 9.22 18.06 -3.05
CA PRO B 21 9.90 18.11 -4.35
C PRO B 21 9.27 19.13 -5.31
N SER B 22 10.09 19.72 -6.16
CA SER B 22 9.66 20.81 -7.04
C SER B 22 8.57 20.41 -8.02
N ALA B 23 8.54 19.13 -8.40
CA ALA B 23 7.57 18.66 -9.38
C ALA B 23 6.21 18.32 -8.76
N TYR B 24 6.18 18.27 -7.43
CA TYR B 24 4.98 17.87 -6.69
C TYR B 24 3.77 18.72 -7.06
N GLY B 25 4.00 20.03 -7.20
CA GLY B 25 2.94 20.94 -7.57
C GLY B 25 2.32 20.59 -8.92
N SER B 26 3.17 20.39 -9.92
CA SER B 26 2.72 20.04 -11.26
C SER B 26 1.99 18.70 -11.26
N VAL B 27 2.46 17.76 -10.45
CA VAL B 27 1.83 16.46 -10.33
C VAL B 27 0.42 16.60 -9.76
N LYS B 28 0.29 17.37 -8.68
CA LYS B 28 -1.02 17.65 -8.09
C LYS B 28 -1.93 18.33 -9.10
N ALA B 29 -1.37 19.23 -9.90
CA ALA B 29 -2.15 19.98 -10.88
C ALA B 29 -2.68 19.07 -11.99
N TYR B 30 -1.82 18.23 -12.53
CA TYR B 30 -2.20 17.36 -13.64
C TYR B 30 -3.22 16.30 -13.22
N THR B 31 -3.07 15.78 -12.01
CA THR B 31 -3.93 14.70 -11.54
C THR B 31 -5.24 15.20 -10.94
N ASN B 32 -5.42 16.52 -10.92
CA ASN B 32 -6.58 17.18 -10.30
C ASN B 32 -6.74 16.77 -8.83
N PHE B 33 -5.68 16.99 -8.06
CA PHE B 33 -5.66 16.75 -6.62
C PHE B 33 -6.79 17.49 -5.91
N ASP B 34 -7.08 18.70 -6.39
CA ASP B 34 -8.12 19.54 -5.78
C ASP B 34 -9.48 18.85 -5.77
N ALA B 35 -9.85 18.24 -6.88
CA ALA B 35 -11.13 17.57 -6.98
C ALA B 35 -11.21 16.36 -6.06
N GLU B 36 -10.11 15.62 -5.92
CA GLU B 36 -10.07 14.45 -5.04
C GLU B 36 -10.19 14.87 -3.59
N ARG B 37 -9.48 15.93 -3.22
CA ARG B 37 -9.55 16.47 -1.86
C ARG B 37 -10.96 16.94 -1.55
N ASP B 38 -11.55 17.68 -2.49
CA ASP B 38 -12.93 18.14 -2.36
C ASP B 38 -13.88 16.98 -2.14
N ALA B 39 -13.76 15.96 -2.99
CA ALA B 39 -14.58 14.75 -2.89
C ALA B 39 -14.48 14.11 -1.51
N LEU B 40 -13.25 13.89 -1.04
CA LEU B 40 -13.04 13.26 0.25
C LEU B 40 -13.62 14.09 1.39
N ASN B 41 -13.43 15.40 1.31
CA ASN B 41 -13.98 16.32 2.31
C ASN B 41 -15.50 16.28 2.33
N ILE B 42 -16.10 16.18 1.15
CA ILE B 42 -17.55 16.09 1.04
C ILE B 42 -18.05 14.80 1.67
N GLU B 43 -17.40 13.69 1.36
CA GLU B 43 -17.78 12.40 1.94
C GLU B 43 -17.66 12.43 3.45
N THR B 44 -16.58 13.03 3.95
CA THR B 44 -16.40 13.17 5.39
C THR B 44 -17.52 14.01 6.01
N ALA B 45 -17.89 15.10 5.34
CA ALA B 45 -18.97 15.97 5.81
C ALA B 45 -20.29 15.20 5.87
N ILE B 46 -20.52 14.35 4.87
CA ILE B 46 -21.73 13.54 4.80
C ILE B 46 -21.80 12.51 5.92
N LYS B 47 -20.73 11.74 6.07
CA LYS B 47 -20.70 10.65 7.06
C LYS B 47 -20.61 11.17 8.49
N THR B 48 -20.31 12.45 8.65
CA THR B 48 -20.28 13.06 9.97
C THR B 48 -21.68 13.06 10.57
N LYS B 49 -21.77 12.72 11.85
CA LYS B 49 -23.07 12.63 12.53
C LYS B 49 -23.77 13.98 12.55
N GLY B 50 -25.00 14.01 12.05
CA GLY B 50 -25.76 15.24 11.96
C GLY B 50 -25.51 15.97 10.66
N VAL B 51 -24.56 15.46 9.88
CA VAL B 51 -24.19 16.01 8.57
C VAL B 51 -23.60 17.41 8.65
N ASP B 52 -22.35 17.56 8.20
CA ASP B 52 -21.68 18.85 8.20
C ASP B 52 -22.02 19.62 6.92
N GLU B 53 -23.17 20.29 6.94
CA GLU B 53 -23.67 21.00 5.77
C GLU B 53 -22.82 22.22 5.44
N VAL B 54 -22.17 22.77 6.46
CA VAL B 54 -21.35 23.97 6.31
C VAL B 54 -20.22 23.75 5.32
N THR B 55 -19.50 22.65 5.46
CA THR B 55 -18.39 22.31 4.57
C THR B 55 -18.90 22.04 3.16
N ILE B 56 -20.00 21.31 3.06
CA ILE B 56 -20.64 21.02 1.77
C ILE B 56 -20.94 22.30 1.00
N VAL B 57 -21.57 23.24 1.69
CA VAL B 57 -21.89 24.54 1.10
C VAL B 57 -20.62 25.31 0.71
N ASN B 58 -19.70 25.42 1.66
CA ASN B 58 -18.46 26.16 1.45
C ASN B 58 -17.68 25.68 0.24
N ILE B 59 -17.66 24.36 0.05
CA ILE B 59 -16.97 23.80 -1.10
C ILE B 59 -17.80 23.98 -2.37
N LEU B 60 -18.98 23.36 -2.40
CA LEU B 60 -19.74 23.26 -3.64
C LEU B 60 -20.24 24.60 -4.20
N THR B 61 -20.60 25.54 -3.33
CA THR B 61 -21.07 26.83 -3.84
C THR B 61 -19.90 27.73 -4.20
N ASN B 62 -18.68 27.27 -3.96
CA ASN B 62 -17.50 28.03 -4.32
C ASN B 62 -16.63 27.28 -5.33
N ARG B 63 -17.30 26.50 -6.18
CA ARG B 63 -16.65 25.85 -7.32
C ARG B 63 -17.45 26.13 -8.58
N SER B 64 -16.78 26.22 -9.72
CA SER B 64 -17.47 26.38 -10.99
C SER B 64 -18.21 25.08 -11.32
N ASN B 65 -19.14 25.15 -12.27
CA ASN B 65 -19.95 23.98 -12.60
C ASN B 65 -19.12 22.79 -13.08
N GLU B 66 -18.16 23.03 -13.95
CA GLU B 66 -17.34 21.95 -14.48
C GLU B 66 -16.44 21.39 -13.38
N GLN B 67 -16.01 22.25 -12.46
CA GLN B 67 -15.27 21.80 -11.29
C GLN B 67 -16.15 20.90 -10.44
N ARG B 68 -17.43 21.22 -10.36
CA ARG B 68 -18.37 20.37 -9.63
C ARG B 68 -18.51 19.03 -10.35
N GLN B 69 -18.43 19.05 -11.67
CA GLN B 69 -18.45 17.80 -12.43
C GLN B 69 -17.21 16.96 -12.10
N ASP B 70 -16.05 17.61 -12.00
CA ASP B 70 -14.82 16.91 -11.61
C ASP B 70 -14.97 16.28 -10.23
N ILE B 71 -15.47 17.07 -9.28
CA ILE B 71 -15.66 16.60 -7.90
C ILE B 71 -16.63 15.42 -7.85
N ALA B 72 -17.68 15.48 -8.67
CA ALA B 72 -18.64 14.39 -8.75
C ALA B 72 -17.98 13.12 -9.30
N PHE B 73 -17.16 13.30 -10.33
CA PHE B 73 -16.42 12.21 -10.94
C PHE B 73 -15.51 11.51 -9.92
N ALA B 74 -14.69 12.30 -9.25
CA ALA B 74 -13.77 11.79 -8.23
C ALA B 74 -14.54 11.11 -7.09
N TYR B 75 -15.64 11.73 -6.68
CA TYR B 75 -16.47 11.19 -5.59
C TYR B 75 -17.01 9.83 -5.97
N GLN B 76 -17.49 9.70 -7.20
CA GLN B 76 -18.04 8.42 -7.68
C GLN B 76 -16.94 7.38 -7.77
N ARG B 77 -15.76 7.78 -8.22
CA ARG B 77 -14.65 6.85 -8.36
C ARG B 77 -14.14 6.34 -7.00
N ARG B 78 -14.19 7.21 -6.00
CA ARG B 78 -13.67 6.87 -4.68
C ARG B 78 -14.68 6.12 -3.80
N THR B 79 -15.90 6.65 -3.73
CA THR B 79 -16.95 6.14 -2.86
C THR B 79 -17.70 4.97 -3.50
N LYS B 80 -17.58 4.85 -4.82
CA LYS B 80 -18.41 3.94 -5.62
C LYS B 80 -19.90 4.28 -5.47
N LYS B 81 -20.17 5.52 -5.10
CA LYS B 81 -21.54 6.02 -4.97
C LYS B 81 -21.65 7.37 -5.68
N GLU B 82 -22.80 7.60 -6.31
CA GLU B 82 -23.03 8.88 -7.00
C GLU B 82 -23.18 10.01 -5.98
N LEU B 83 -22.47 11.10 -6.21
CA LEU B 83 -22.47 12.24 -5.30
C LEU B 83 -23.87 12.82 -5.11
N ALA B 84 -24.61 12.91 -6.20
CA ALA B 84 -25.97 13.45 -6.18
C ALA B 84 -26.87 12.65 -5.26
N SER B 85 -26.72 11.32 -5.26
CA SER B 85 -27.55 10.46 -4.42
C SER B 85 -27.19 10.61 -2.95
N ALA B 86 -25.89 10.63 -2.66
CA ALA B 86 -25.40 10.79 -1.29
C ALA B 86 -25.87 12.11 -0.70
N LEU B 87 -25.70 13.19 -1.45
CA LEU B 87 -26.13 14.51 -0.99
C LEU B 87 -27.66 14.57 -0.92
N LYS B 88 -28.33 13.84 -1.80
CA LYS B 88 -29.79 13.74 -1.76
C LYS B 88 -30.25 13.15 -0.44
N SER B 89 -29.56 12.10 0.01
CA SER B 89 -29.88 11.47 1.27
C SER B 89 -29.49 12.32 2.47
N ALA B 90 -28.37 13.02 2.37
CA ALA B 90 -27.81 13.75 3.51
C ALA B 90 -28.47 15.11 3.74
N LEU B 91 -29.05 15.69 2.70
CA LEU B 91 -29.62 17.02 2.82
C LEU B 91 -31.15 17.02 2.76
N SER B 92 -31.74 18.15 3.15
CA SER B 92 -33.19 18.31 3.12
C SER B 92 -33.56 19.77 2.92
N GLY B 93 -34.87 20.04 2.85
CA GLY B 93 -35.36 21.39 2.68
C GLY B 93 -34.90 22.02 1.37
N HIS B 94 -34.76 23.33 1.38
CA HIS B 94 -34.35 24.06 0.18
C HIS B 94 -32.87 23.91 -0.11
N LEU B 95 -32.07 23.73 0.95
CA LEU B 95 -30.63 23.53 0.79
C LEU B 95 -30.35 22.33 -0.11
N GLU B 96 -31.13 21.29 0.06
CA GLU B 96 -31.06 20.11 -0.80
C GLU B 96 -31.30 20.47 -2.26
N THR B 97 -32.37 21.20 -2.54
CA THR B 97 -32.71 21.55 -3.92
C THR B 97 -31.63 22.45 -4.53
N VAL B 98 -31.02 23.30 -3.71
CA VAL B 98 -29.94 24.17 -4.16
C VAL B 98 -28.70 23.36 -4.54
N ILE B 99 -28.25 22.52 -3.61
CA ILE B 99 -27.04 21.72 -3.84
C ILE B 99 -27.23 20.75 -5.02
N LEU B 100 -28.37 20.06 -5.05
CA LEU B 100 -28.67 19.15 -6.14
C LEU B 100 -28.78 19.89 -7.46
N GLY B 101 -29.32 21.11 -7.41
CA GLY B 101 -29.39 21.96 -8.59
C GLY B 101 -28.01 22.32 -9.11
N LEU B 102 -27.09 22.63 -8.20
CA LEU B 102 -25.73 23.02 -8.56
C LEU B 102 -24.93 21.88 -9.17
N LEU B 103 -25.27 20.65 -8.81
CA LEU B 103 -24.53 19.47 -9.25
C LEU B 103 -24.76 19.14 -10.73
N LYS B 104 -25.84 19.66 -11.29
CA LYS B 104 -26.14 19.38 -12.69
C LYS B 104 -25.43 20.36 -13.61
N THR B 105 -25.23 19.95 -14.86
CA THR B 105 -24.76 20.87 -15.89
C THR B 105 -25.94 21.78 -16.24
N PRO B 106 -25.65 22.99 -16.77
CA PRO B 106 -26.72 23.95 -17.08
C PRO B 106 -27.85 23.36 -17.93
N ALA B 107 -27.49 22.62 -18.98
CA ALA B 107 -28.48 21.99 -19.85
C ALA B 107 -29.30 20.95 -19.10
N GLN B 108 -28.61 20.11 -18.31
CA GLN B 108 -29.28 19.09 -17.51
C GLN B 108 -30.23 19.71 -16.49
N TYR B 109 -29.78 20.80 -15.85
CA TYR B 109 -30.58 21.48 -14.85
C TYR B 109 -31.83 22.08 -15.49
N ASP B 110 -31.64 22.78 -16.61
CA ASP B 110 -32.75 23.38 -17.33
C ASP B 110 -33.77 22.31 -17.77
N ALA B 111 -33.25 21.19 -18.28
CA ALA B 111 -34.11 20.10 -18.73
C ALA B 111 -34.93 19.52 -17.57
N SER B 112 -34.24 19.25 -16.46
CA SER B 112 -34.92 18.70 -15.29
C SER B 112 -35.97 19.66 -14.75
N GLU B 113 -35.68 20.95 -14.79
CA GLU B 113 -36.63 21.96 -14.36
C GLU B 113 -37.84 22.03 -15.29
N LEU B 114 -37.60 21.82 -16.58
CA LEU B 114 -38.66 21.78 -17.57
C LEU B 114 -39.60 20.59 -17.30
N LYS B 115 -39.01 19.41 -17.18
CA LYS B 115 -39.80 18.20 -16.90
C LYS B 115 -40.55 18.34 -15.57
N ALA B 116 -39.91 19.00 -14.61
CA ALA B 116 -40.53 19.25 -13.32
C ALA B 116 -41.72 20.20 -13.44
N SER B 117 -41.60 21.17 -14.34
CA SER B 117 -42.68 22.12 -14.56
C SER B 117 -43.83 21.46 -15.31
N MET B 118 -43.51 20.46 -16.13
CA MET B 118 -44.53 19.76 -16.89
C MET B 118 -45.01 18.49 -16.20
N LYS B 119 -44.39 18.14 -15.07
CA LYS B 119 -44.77 16.94 -14.33
C LYS B 119 -46.13 17.12 -13.66
N GLY B 120 -46.77 16.00 -13.35
CA GLY B 120 -48.07 16.01 -12.69
C GLY B 120 -49.19 16.42 -13.64
N LEU B 121 -50.43 16.31 -13.15
CA LEU B 121 -51.60 16.67 -13.95
C LEU B 121 -51.64 18.18 -14.19
N GLY B 122 -51.14 18.94 -13.23
CA GLY B 122 -51.04 20.39 -13.38
C GLY B 122 -49.76 20.76 -14.10
N THR B 123 -49.48 22.06 -14.18
CA THR B 123 -48.30 22.54 -14.88
C THR B 123 -47.83 23.88 -14.34
N ASP B 124 -46.53 23.96 -14.03
CA ASP B 124 -45.93 25.21 -13.60
C ASP B 124 -45.47 26.01 -14.81
N GLU B 125 -46.42 26.61 -15.53
CA GLU B 125 -46.12 27.32 -16.76
C GLU B 125 -45.28 28.57 -16.53
N ASP B 126 -45.16 28.98 -15.28
CA ASP B 126 -44.33 30.14 -14.94
C ASP B 126 -42.85 29.81 -15.13
N SER B 127 -42.44 28.66 -14.61
CA SER B 127 -41.06 28.18 -14.74
C SER B 127 -40.75 27.89 -16.21
N LEU B 128 -41.67 27.20 -16.86
CA LEU B 128 -41.58 26.89 -18.28
C LEU B 128 -41.35 28.15 -19.09
N ILE B 129 -42.20 29.15 -18.87
CA ILE B 129 -42.08 30.44 -19.54
C ILE B 129 -40.73 31.07 -19.25
N GLU B 130 -40.30 31.05 -18.00
CA GLU B 130 -39.02 31.63 -17.62
C GLU B 130 -37.87 31.03 -18.44
N ILE B 131 -37.73 29.72 -18.37
CA ILE B 131 -36.65 29.03 -19.07
C ILE B 131 -36.73 29.22 -20.59
N ILE B 132 -37.90 28.94 -21.17
CA ILE B 132 -38.07 29.01 -22.61
C ILE B 132 -37.85 30.42 -23.18
N CYS B 133 -38.31 31.43 -22.45
CA CYS B 133 -38.18 32.81 -22.91
C CYS B 133 -36.81 33.42 -22.65
N SER B 134 -36.10 32.93 -21.62
CA SER B 134 -34.83 33.56 -21.24
C SER B 134 -33.61 32.94 -21.92
N ARG B 135 -33.68 31.65 -22.25
CA ARG B 135 -32.52 30.94 -22.78
C ARG B 135 -32.23 31.33 -24.23
N THR B 136 -30.94 31.39 -24.57
CA THR B 136 -30.50 31.73 -25.92
C THR B 136 -30.63 30.51 -26.85
N ASN B 137 -30.39 30.74 -28.14
CA ASN B 137 -30.49 29.68 -29.14
C ASN B 137 -29.56 28.50 -28.86
N GLN B 138 -28.30 28.82 -28.59
CA GLN B 138 -27.29 27.81 -28.28
C GLN B 138 -27.71 26.96 -27.08
N GLU B 139 -28.01 27.68 -25.99
CA GLU B 139 -28.48 27.07 -24.76
C GLU B 139 -29.69 26.19 -25.02
N LEU B 140 -30.63 26.67 -25.84
CA LEU B 140 -31.85 25.93 -26.13
C LEU B 140 -31.60 24.67 -26.96
N GLN B 141 -30.64 24.74 -27.87
CA GLN B 141 -30.29 23.58 -28.69
C GLN B 141 -29.65 22.51 -27.82
N GLU B 142 -28.72 22.92 -26.96
CA GLU B 142 -28.11 21.97 -26.04
C GLU B 142 -29.15 21.39 -25.08
N ILE B 143 -30.10 22.22 -24.67
CA ILE B 143 -31.18 21.79 -23.77
C ILE B 143 -32.06 20.75 -24.46
N ASN B 144 -32.33 20.94 -25.74
CA ASN B 144 -33.07 19.98 -26.52
C ASN B 144 -32.32 18.65 -26.62
N ARG B 145 -31.08 18.73 -27.07
CA ARG B 145 -30.24 17.54 -27.24
C ARG B 145 -30.12 16.73 -25.95
N VAL B 146 -29.96 17.43 -24.83
CA VAL B 146 -29.81 16.77 -23.54
C VAL B 146 -31.14 16.21 -23.03
N TYR B 147 -32.21 16.98 -23.21
CA TYR B 147 -33.55 16.56 -22.78
C TYR B 147 -33.97 15.30 -23.52
N LYS B 148 -33.55 15.18 -24.78
CA LYS B 148 -33.89 14.01 -25.58
C LYS B 148 -33.17 12.75 -25.11
N GLU B 149 -32.09 12.93 -24.36
CA GLU B 149 -31.30 11.80 -23.87
C GLU B 149 -31.66 11.43 -22.43
N MET B 150 -31.86 12.43 -21.60
CA MET B 150 -32.26 12.23 -20.21
C MET B 150 -33.59 11.50 -20.13
N TYR B 151 -34.51 11.92 -21.00
CA TYR B 151 -35.84 11.32 -21.04
C TYR B 151 -36.10 10.71 -22.41
N LYS B 152 -37.13 9.87 -22.50
CA LYS B 152 -37.36 9.08 -23.70
C LYS B 152 -37.81 9.92 -24.91
N THR B 153 -38.38 11.08 -24.65
CA THR B 153 -39.00 11.86 -25.73
C THR B 153 -38.36 13.23 -25.95
N ASP B 154 -38.71 13.84 -27.08
CA ASP B 154 -38.24 15.19 -27.40
C ASP B 154 -38.90 16.22 -26.49
N LEU B 155 -38.28 17.39 -26.37
CA LEU B 155 -38.83 18.46 -25.54
C LEU B 155 -40.13 19.00 -26.12
N GLU B 156 -40.14 19.22 -27.42
CA GLU B 156 -41.30 19.76 -28.11
C GLU B 156 -42.52 18.85 -27.96
N LYS B 157 -42.27 17.53 -28.00
CA LYS B 157 -43.34 16.55 -27.87
CA LYS B 157 -43.34 16.55 -27.87
C LYS B 157 -44.05 16.68 -26.52
N ASP B 158 -43.27 16.81 -25.46
CA ASP B 158 -43.84 16.95 -24.12
C ASP B 158 -44.45 18.34 -23.94
N ILE B 159 -43.92 19.31 -24.68
CA ILE B 159 -44.43 20.66 -24.64
C ILE B 159 -45.83 20.75 -25.26
N ILE B 160 -46.00 20.13 -26.42
CA ILE B 160 -47.28 20.14 -27.12
C ILE B 160 -48.27 19.15 -26.51
N SER B 161 -47.82 18.43 -25.49
CA SER B 161 -48.67 17.46 -24.82
C SER B 161 -49.24 18.02 -23.53
N ASP B 162 -48.80 19.22 -23.15
CA ASP B 162 -49.23 19.82 -21.90
C ASP B 162 -49.77 21.24 -22.00
N THR B 163 -49.48 21.91 -23.11
CA THR B 163 -49.96 23.27 -23.34
C THR B 163 -51.09 23.24 -24.37
N SER B 164 -51.53 24.41 -24.83
CA SER B 164 -52.58 24.49 -25.83
C SER B 164 -52.65 25.85 -26.52
N GLY B 165 -53.08 25.85 -27.78
CA GLY B 165 -53.35 27.08 -28.50
C GLY B 165 -52.13 27.89 -28.89
N ASP B 166 -52.31 29.21 -28.96
CA ASP B 166 -51.25 30.11 -29.38
C ASP B 166 -50.16 30.25 -28.32
N PHE B 167 -50.50 29.95 -27.07
CA PHE B 167 -49.50 29.88 -26.01
C PHE B 167 -48.54 28.74 -26.32
N ARG B 168 -49.12 27.59 -26.67
CA ARG B 168 -48.35 26.43 -27.14
C ARG B 168 -47.53 26.79 -28.36
N LYS B 169 -48.15 27.46 -29.32
CA LYS B 169 -47.47 27.86 -30.56
C LYS B 169 -46.23 28.70 -30.24
N LEU B 170 -46.39 29.64 -29.34
CA LEU B 170 -45.31 30.52 -28.91
C LEU B 170 -44.20 29.76 -28.21
N MET B 171 -44.57 28.94 -27.23
CA MET B 171 -43.59 28.17 -26.47
C MET B 171 -42.78 27.24 -27.38
N VAL B 172 -43.47 26.60 -28.32
CA VAL B 172 -42.81 25.72 -29.28
C VAL B 172 -41.87 26.49 -30.19
N ALA B 173 -42.37 27.59 -30.76
CA ALA B 173 -41.56 28.44 -31.63
C ALA B 173 -40.28 28.88 -30.93
N LEU B 174 -40.41 29.32 -29.68
CA LEU B 174 -39.26 29.75 -28.91
C LEU B 174 -38.31 28.60 -28.61
N ALA B 175 -38.87 27.46 -28.21
CA ALA B 175 -38.08 26.29 -27.84
C ALA B 175 -37.35 25.70 -29.04
N LYS B 176 -37.78 26.05 -30.24
CA LYS B 176 -37.10 25.62 -31.45
C LYS B 176 -35.65 26.07 -31.46
N GLY B 177 -35.40 27.26 -30.91
CA GLY B 177 -34.06 27.79 -30.79
C GLY B 177 -33.43 28.13 -32.13
N ARG B 178 -34.26 28.40 -33.13
CA ARG B 178 -33.77 28.74 -34.46
C ARG B 178 -34.02 30.22 -34.77
N ARG B 179 -33.89 31.06 -33.75
CA ARG B 179 -34.02 32.50 -33.93
C ARG B 179 -32.89 33.05 -34.79
N ALA B 180 -33.21 34.01 -35.65
CA ALA B 180 -32.21 34.66 -36.48
C ALA B 180 -31.12 35.27 -35.61
N GLU B 181 -29.86 35.03 -35.99
CA GLU B 181 -28.73 35.54 -35.22
C GLU B 181 -28.56 37.04 -35.46
N ASP B 182 -27.73 37.67 -34.63
CA ASP B 182 -27.46 39.09 -34.77
C ASP B 182 -26.88 39.42 -36.14
N GLY B 183 -27.35 40.51 -36.73
CA GLY B 183 -26.90 40.90 -38.05
C GLY B 183 -26.02 42.13 -38.02
N SER B 184 -25.05 42.18 -38.93
CA SER B 184 -24.16 43.32 -39.04
C SER B 184 -24.89 44.52 -39.65
N VAL B 185 -25.93 44.24 -40.41
CA VAL B 185 -26.74 45.29 -41.03
C VAL B 185 -27.97 45.59 -40.17
N ILE B 186 -28.28 46.87 -40.01
CA ILE B 186 -29.40 47.29 -39.17
C ILE B 186 -30.75 46.99 -39.83
N ASP B 187 -30.88 47.31 -41.11
CA ASP B 187 -32.13 47.15 -41.85
C ASP B 187 -33.26 47.92 -41.18
N TYR B 188 -33.24 49.25 -41.32
CA TYR B 188 -34.22 50.11 -40.68
C TYR B 188 -35.63 49.90 -41.23
N GLU B 189 -35.73 49.58 -42.52
CA GLU B 189 -37.02 49.37 -43.16
C GLU B 189 -37.77 48.20 -42.54
N LEU B 190 -37.06 47.10 -42.31
CA LEU B 190 -37.65 45.93 -41.68
C LEU B 190 -38.04 46.25 -40.24
N ILE B 191 -37.29 47.15 -39.61
CA ILE B 191 -37.59 47.57 -38.24
C ILE B 191 -38.91 48.31 -38.19
N ASP B 192 -39.03 49.33 -39.03
CA ASP B 192 -40.26 50.11 -39.09
C ASP B 192 -41.46 49.25 -39.48
N GLN B 193 -41.27 48.40 -40.49
CA GLN B 193 -42.33 47.52 -40.97
C GLN B 193 -42.77 46.54 -39.89
N ASP B 194 -41.82 45.99 -39.15
CA ASP B 194 -42.13 45.07 -38.06
C ASP B 194 -42.89 45.78 -36.96
N ALA B 195 -42.41 46.95 -36.54
CA ALA B 195 -43.07 47.70 -35.47
C ALA B 195 -44.51 48.07 -35.84
N ARG B 196 -44.66 48.62 -37.04
CA ARG B 196 -45.97 49.03 -37.53
C ARG B 196 -46.89 47.82 -37.72
N ASP B 197 -46.32 46.67 -38.09
CA ASP B 197 -47.08 45.44 -38.22
C ASP B 197 -47.60 44.99 -36.85
N LEU B 198 -46.72 45.06 -35.86
CA LEU B 198 -47.07 44.69 -34.49
C LEU B 198 -48.15 45.62 -33.95
N TYR B 199 -48.12 46.88 -34.36
CA TYR B 199 -49.18 47.82 -33.98
C TYR B 199 -50.49 47.46 -34.66
N ASP B 200 -50.44 47.21 -35.97
CA ASP B 200 -51.65 46.91 -36.74
C ASP B 200 -52.22 45.54 -36.41
N ALA B 201 -51.46 44.74 -35.67
CA ALA B 201 -51.88 43.38 -35.34
C ALA B 201 -52.70 43.34 -34.05
N GLY B 202 -52.54 44.37 -33.21
CA GLY B 202 -53.17 44.36 -31.91
C GLY B 202 -53.97 45.60 -31.55
N VAL B 203 -53.27 46.64 -31.10
CA VAL B 203 -53.90 47.85 -30.56
C VAL B 203 -54.93 48.47 -31.49
N LYS B 204 -54.53 48.75 -32.73
CA LYS B 204 -55.41 49.39 -33.70
C LYS B 204 -56.62 48.51 -34.03
N ARG B 205 -56.40 47.21 -34.07
CA ARG B 205 -57.47 46.25 -34.35
C ARG B 205 -58.43 46.11 -33.20
N LYS B 206 -59.64 45.63 -33.49
CA LYS B 206 -60.63 45.34 -32.48
C LYS B 206 -60.22 44.09 -31.70
N GLY B 207 -59.63 43.14 -32.40
CA GLY B 207 -59.11 41.94 -31.78
C GLY B 207 -57.59 41.97 -31.71
N THR B 208 -56.96 40.82 -31.94
CA THR B 208 -55.51 40.74 -31.94
C THR B 208 -54.99 39.61 -32.81
N ASP B 209 -54.01 39.90 -33.65
CA ASP B 209 -53.41 38.91 -34.54
C ASP B 209 -52.21 38.25 -33.86
N VAL B 210 -52.50 37.27 -33.01
CA VAL B 210 -51.46 36.57 -32.27
C VAL B 210 -50.39 35.88 -33.14
N PRO B 211 -50.79 35.18 -34.23
CA PRO B 211 -49.77 34.54 -35.07
C PRO B 211 -48.67 35.48 -35.56
N LYS B 212 -49.04 36.69 -36.00
CA LYS B 212 -48.07 37.68 -36.45
C LYS B 212 -47.13 38.09 -35.31
N TRP B 213 -47.71 38.31 -34.14
CA TRP B 213 -46.94 38.64 -32.95
C TRP B 213 -45.89 37.59 -32.65
N ILE B 214 -46.34 36.34 -32.55
CA ILE B 214 -45.45 35.21 -32.29
C ILE B 214 -44.36 35.13 -33.35
N SER B 215 -44.75 35.20 -34.62
CA SER B 215 -43.81 35.12 -35.72
C SER B 215 -42.71 36.17 -35.60
N ILE B 216 -43.11 37.43 -35.47
CA ILE B 216 -42.17 38.54 -35.36
C ILE B 216 -41.26 38.41 -34.14
N MET B 217 -41.83 38.09 -32.99
CA MET B 217 -41.07 38.08 -31.75
C MET B 217 -40.30 36.79 -31.49
N THR B 218 -40.45 35.82 -32.39
CA THR B 218 -39.67 34.58 -32.28
C THR B 218 -38.65 34.43 -33.40
N GLU B 219 -38.90 35.03 -34.55
CA GLU B 219 -38.01 34.88 -35.68
C GLU B 219 -36.90 35.93 -35.73
N ARG B 220 -37.23 37.18 -35.46
CA ARG B 220 -36.26 38.28 -35.55
C ARG B 220 -35.18 38.17 -34.48
N SER B 221 -34.03 38.80 -34.73
CA SER B 221 -32.93 38.80 -33.78
C SER B 221 -33.20 39.77 -32.64
N VAL B 222 -32.46 39.60 -31.54
CA VAL B 222 -32.67 40.41 -30.34
C VAL B 222 -32.38 41.91 -30.51
N PRO B 223 -31.25 42.29 -31.15
CA PRO B 223 -31.04 43.73 -31.33
C PRO B 223 -32.10 44.36 -32.23
N HIS B 224 -32.37 43.69 -33.34
CA HIS B 224 -33.41 44.09 -34.28
C HIS B 224 -34.74 44.24 -33.56
N LEU B 225 -35.08 43.27 -32.72
CA LEU B 225 -36.33 43.31 -31.96
C LEU B 225 -36.35 44.45 -30.96
N GLN B 226 -35.18 44.80 -30.42
CA GLN B 226 -35.08 45.94 -29.52
C GLN B 226 -35.41 47.23 -30.25
N LYS B 227 -34.76 47.44 -31.39
CA LYS B 227 -35.01 48.64 -32.18
C LYS B 227 -36.46 48.68 -32.68
N VAL B 228 -37.02 47.50 -32.95
CA VAL B 228 -38.41 47.39 -33.35
C VAL B 228 -39.32 47.82 -32.21
N PHE B 229 -39.00 47.39 -31.00
CA PHE B 229 -39.79 47.74 -29.83
C PHE B 229 -39.72 49.23 -29.52
N ASP B 230 -38.57 49.85 -29.81
CA ASP B 230 -38.43 51.29 -29.60
CA ASP B 230 -38.44 51.28 -29.59
C ASP B 230 -39.12 52.08 -30.71
N ARG B 231 -39.20 51.49 -31.90
CA ARG B 231 -39.89 52.12 -33.02
C ARG B 231 -41.40 51.99 -32.82
N TYR B 232 -41.80 50.99 -32.04
CA TYR B 232 -43.19 50.71 -31.75
C TYR B 232 -43.80 51.84 -30.92
N LYS B 233 -42.97 52.51 -30.14
CA LYS B 233 -43.41 53.63 -29.30
C LYS B 233 -43.81 54.85 -30.12
N SER B 234 -43.50 54.83 -31.42
CA SER B 234 -43.84 55.94 -32.30
C SER B 234 -45.24 55.75 -32.90
N TYR B 235 -45.66 54.50 -33.02
CA TYR B 235 -46.98 54.20 -33.60
C TYR B 235 -48.05 54.02 -32.53
N SER B 236 -47.67 53.43 -31.40
CA SER B 236 -48.62 53.15 -30.33
C SER B 236 -48.41 54.08 -29.13
N PRO B 237 -49.52 54.54 -28.52
CA PRO B 237 -49.46 55.36 -27.31
C PRO B 237 -49.01 54.55 -26.09
N TYR B 238 -48.95 53.23 -26.25
CA TYR B 238 -48.50 52.33 -25.20
C TYR B 238 -47.26 51.58 -25.66
N ASP B 239 -46.31 51.35 -24.75
CA ASP B 239 -45.14 50.55 -25.12
C ASP B 239 -45.54 49.09 -25.32
N MET B 240 -44.60 48.25 -25.72
CA MET B 240 -44.90 46.86 -26.03
C MET B 240 -45.52 46.10 -24.87
N LEU B 241 -44.98 46.30 -23.66
CA LEU B 241 -45.47 45.59 -22.48
C LEU B 241 -46.93 45.94 -22.16
N GLU B 242 -47.25 47.23 -22.16
CA GLU B 242 -48.62 47.68 -21.94
C GLU B 242 -49.57 47.13 -23.01
N SER B 243 -49.12 47.18 -24.26
CA SER B 243 -49.89 46.66 -25.38
C SER B 243 -50.19 45.18 -25.18
N ILE B 244 -49.22 44.44 -24.69
CA ILE B 244 -49.41 43.04 -24.36
C ILE B 244 -50.44 42.89 -23.25
N ARG B 245 -50.33 43.74 -22.24
CA ARG B 245 -51.23 43.68 -21.08
C ARG B 245 -52.65 44.06 -21.45
N LYS B 246 -52.84 44.69 -22.61
CA LYS B 246 -54.18 45.07 -23.04
C LYS B 246 -54.74 44.16 -24.14
N GLU B 247 -53.86 43.50 -24.89
CA GLU B 247 -54.30 42.69 -26.02
C GLU B 247 -54.60 41.24 -25.65
N VAL B 248 -53.83 40.69 -24.72
CA VAL B 248 -54.00 39.29 -24.33
C VAL B 248 -53.99 39.15 -22.81
N LYS B 249 -54.71 38.15 -22.31
CA LYS B 249 -54.70 37.82 -20.88
C LYS B 249 -54.11 36.43 -20.65
N GLY B 250 -53.87 36.11 -19.38
CA GLY B 250 -53.46 34.77 -19.00
C GLY B 250 -52.03 34.38 -19.34
N ASP B 251 -51.83 33.10 -19.61
CA ASP B 251 -50.50 32.53 -19.82
C ASP B 251 -49.82 33.08 -21.07
N LEU B 252 -50.61 33.39 -22.09
CA LEU B 252 -50.07 33.98 -23.32
C LEU B 252 -49.54 35.39 -23.02
N GLU B 253 -50.32 36.14 -22.25
CA GLU B 253 -49.93 37.46 -21.80
C GLU B 253 -48.62 37.39 -21.01
N ASN B 254 -48.59 36.50 -20.02
CA ASN B 254 -47.42 36.32 -19.18
C ASN B 254 -46.18 35.94 -20.01
N ALA B 255 -46.37 35.04 -20.95
CA ALA B 255 -45.30 34.59 -21.83
C ALA B 255 -44.74 35.73 -22.66
N PHE B 256 -45.63 36.49 -23.28
CA PHE B 256 -45.22 37.64 -24.08
C PHE B 256 -44.48 38.67 -23.24
N LEU B 257 -45.01 38.98 -22.06
CA LEU B 257 -44.36 39.92 -21.15
C LEU B 257 -42.95 39.46 -20.77
N ASN B 258 -42.82 38.20 -20.40
CA ASN B 258 -41.50 37.63 -20.06
C ASN B 258 -40.52 37.71 -21.22
N LEU B 259 -41.00 37.34 -22.41
CA LEU B 259 -40.18 37.36 -23.62
C LEU B 259 -39.67 38.76 -23.93
N VAL B 260 -40.59 39.72 -23.95
CA VAL B 260 -40.20 41.11 -24.23
C VAL B 260 -39.24 41.61 -23.16
N GLN B 261 -39.50 41.28 -21.90
CA GLN B 261 -38.61 41.67 -20.81
C GLN B 261 -37.19 41.15 -21.03
N CYS B 262 -37.08 39.88 -21.39
CA CYS B 262 -35.77 39.28 -21.65
C CYS B 262 -35.07 39.97 -22.82
N ILE B 263 -35.80 40.13 -23.92
CA ILE B 263 -35.29 40.74 -25.14
C ILE B 263 -34.76 42.15 -24.89
N GLN B 264 -35.52 42.95 -24.15
CA GLN B 264 -35.15 44.32 -23.84
C GLN B 264 -33.97 44.37 -22.87
N ASN B 265 -34.08 43.62 -21.76
CA ASN B 265 -33.03 43.61 -20.75
C ASN B 265 -33.11 42.37 -19.86
N LYS B 266 -32.49 41.28 -20.33
CA LYS B 266 -32.50 40.01 -19.60
C LYS B 266 -31.98 40.08 -18.14
N PRO B 267 -30.82 40.72 -17.90
CA PRO B 267 -30.37 40.80 -16.50
C PRO B 267 -31.36 41.53 -15.60
N LEU B 268 -31.93 42.62 -16.11
CA LEU B 268 -32.96 43.36 -15.38
C LEU B 268 -34.19 42.48 -15.16
N TYR B 269 -34.49 41.65 -16.15
CA TYR B 269 -35.60 40.69 -16.05
C TYR B 269 -35.37 39.77 -14.84
N PHE B 270 -34.18 39.19 -14.76
CA PHE B 270 -33.91 38.28 -13.66
C PHE B 270 -33.86 39.02 -12.32
N ALA B 271 -33.38 40.27 -12.33
CA ALA B 271 -33.35 41.08 -11.12
C ALA B 271 -34.75 41.34 -10.58
N ASP B 272 -35.65 41.74 -11.48
CA ASP B 272 -37.05 41.99 -11.12
C ASP B 272 -37.72 40.71 -10.65
N ARG B 273 -37.38 39.60 -11.29
CA ARG B 273 -37.95 38.32 -10.93
C ARG B 273 -37.50 37.87 -9.54
N LEU B 274 -36.25 38.17 -9.20
CA LEU B 274 -35.72 37.88 -7.87
C LEU B 274 -36.40 38.75 -6.82
N TYR B 275 -36.50 40.03 -7.13
CA TYR B 275 -37.17 40.98 -6.26
C TYR B 275 -38.59 40.53 -5.97
N ASP B 276 -39.30 40.08 -7.00
CA ASP B 276 -40.66 39.58 -6.85
C ASP B 276 -40.65 38.29 -6.03
N SER B 277 -39.60 37.48 -6.20
CA SER B 277 -39.52 36.21 -5.49
C SER B 277 -39.39 36.46 -3.98
N MET B 278 -38.73 37.55 -3.60
CA MET B 278 -38.53 37.81 -2.17
C MET B 278 -39.38 38.97 -1.63
N LYS B 279 -40.27 39.49 -2.46
CA LYS B 279 -40.96 40.75 -2.18
C LYS B 279 -41.90 40.69 -0.97
N GLY B 280 -42.89 39.80 -1.03
CA GLY B 280 -43.93 39.77 -0.03
C GLY B 280 -43.68 38.79 1.10
N LYS B 281 -44.77 38.29 1.69
CA LYS B 281 -44.70 37.36 2.79
C LYS B 281 -44.00 36.07 2.39
N GLY B 282 -43.14 35.58 3.26
CA GLY B 282 -42.39 34.37 2.97
C GLY B 282 -41.49 34.54 1.77
N THR B 283 -41.32 33.47 0.99
CA THR B 283 -40.39 33.47 -0.12
C THR B 283 -40.83 32.55 -1.25
N ARG B 284 -40.70 33.01 -2.48
CA ARG B 284 -40.85 32.14 -3.65
C ARG B 284 -39.54 31.39 -3.86
N ASP B 285 -39.27 30.43 -2.98
CA ASP B 285 -37.98 29.76 -2.94
C ASP B 285 -37.60 29.07 -4.24
N LYS B 286 -38.59 28.47 -4.91
CA LYS B 286 -38.35 27.78 -6.18
C LYS B 286 -37.67 28.70 -7.19
N VAL B 287 -38.28 29.86 -7.40
CA VAL B 287 -37.79 30.85 -8.36
C VAL B 287 -36.42 31.38 -7.97
N LEU B 288 -36.29 31.79 -6.72
CA LEU B 288 -35.03 32.31 -6.19
C LEU B 288 -33.89 31.33 -6.40
N ILE B 289 -34.09 30.10 -5.96
CA ILE B 289 -33.10 29.03 -6.11
C ILE B 289 -32.76 28.79 -7.57
N ARG B 290 -33.78 28.65 -8.42
CA ARG B 290 -33.54 28.36 -9.83
C ARG B 290 -32.74 29.47 -10.51
N ILE B 291 -33.07 30.72 -10.22
CA ILE B 291 -32.36 31.85 -10.81
C ILE B 291 -30.92 31.92 -10.31
N MET B 292 -30.75 31.84 -9.00
CA MET B 292 -29.42 31.93 -8.40
C MET B 292 -28.51 30.82 -8.92
N VAL B 293 -29.08 29.63 -9.13
CA VAL B 293 -28.31 28.51 -9.66
C VAL B 293 -28.00 28.65 -11.15
N SER B 294 -29.00 29.05 -11.92
CA SER B 294 -28.86 29.07 -13.38
C SER B 294 -28.08 30.27 -13.91
N ARG B 295 -27.99 31.33 -13.12
CA ARG B 295 -27.37 32.55 -13.63
C ARG B 295 -26.08 32.92 -12.90
N SER B 296 -25.67 32.09 -11.95
CA SER B 296 -24.49 32.34 -11.14
C SER B 296 -23.22 32.52 -11.98
N GLU B 297 -23.13 31.78 -13.08
CA GLU B 297 -21.95 31.83 -13.93
C GLU B 297 -22.27 32.39 -15.31
N VAL B 298 -23.39 33.09 -15.42
CA VAL B 298 -23.81 33.65 -16.69
C VAL B 298 -23.70 35.17 -16.66
N ASP B 299 -24.61 35.81 -15.95
CA ASP B 299 -24.64 37.27 -15.87
C ASP B 299 -24.93 37.81 -14.47
N MET B 300 -24.55 37.06 -13.45
CA MET B 300 -24.87 37.43 -12.08
C MET B 300 -24.42 38.83 -11.70
N LEU B 301 -23.28 39.26 -12.25
CA LEU B 301 -22.78 40.60 -12.00
C LEU B 301 -23.74 41.67 -12.55
N LYS B 302 -24.24 41.42 -13.76
CA LYS B 302 -25.17 42.36 -14.39
C LYS B 302 -26.51 42.37 -13.66
N ILE B 303 -26.96 41.19 -13.24
CA ILE B 303 -28.18 41.08 -12.46
C ILE B 303 -28.08 41.86 -11.16
N ARG B 304 -26.95 41.69 -10.47
CA ARG B 304 -26.67 42.43 -9.24
C ARG B 304 -26.64 43.93 -9.50
N SER B 305 -26.04 44.32 -10.63
CA SER B 305 -25.93 45.72 -10.98
C SER B 305 -27.31 46.36 -11.18
N GLU B 306 -28.14 45.74 -12.03
CA GLU B 306 -29.49 46.23 -12.28
C GLU B 306 -30.32 46.24 -11.00
N PHE B 307 -30.16 45.19 -10.19
CA PHE B 307 -30.90 45.06 -8.94
C PHE B 307 -30.57 46.20 -7.99
N LYS B 308 -29.28 46.46 -7.79
CA LYS B 308 -28.83 47.55 -6.93
C LYS B 308 -29.31 48.89 -7.48
N ARG B 309 -29.22 49.04 -8.80
CA ARG B 309 -29.61 50.28 -9.46
C ARG B 309 -31.08 50.60 -9.25
N LYS B 310 -31.93 49.58 -9.32
CA LYS B 310 -33.37 49.78 -9.28
C LYS B 310 -33.95 49.78 -7.87
N TYR B 311 -33.41 48.95 -6.99
CA TYR B 311 -34.05 48.74 -5.69
C TYR B 311 -33.29 49.37 -4.52
N GLY B 312 -32.20 50.07 -4.82
CA GLY B 312 -31.48 50.83 -3.81
C GLY B 312 -30.46 50.02 -3.04
N LYS B 313 -30.84 48.80 -2.65
CA LYS B 313 -29.92 47.93 -1.92
C LYS B 313 -29.60 46.69 -2.73
N SER B 314 -28.54 45.98 -2.32
CA SER B 314 -28.04 44.83 -3.08
C SER B 314 -28.97 43.63 -3.03
N LEU B 315 -28.82 42.74 -4.00
CA LEU B 315 -29.44 41.43 -4.00
C LEU B 315 -29.05 40.67 -2.72
N TYR B 316 -27.79 40.84 -2.33
CA TYR B 316 -27.23 40.24 -1.13
C TYR B 316 -28.07 40.58 0.09
N TYR B 317 -28.46 41.85 0.19
CA TYR B 317 -29.27 42.35 1.29
C TYR B 317 -30.61 41.63 1.40
N TYR B 318 -31.33 41.56 0.29
CA TYR B 318 -32.65 40.93 0.28
C TYR B 318 -32.56 39.43 0.55
N ILE B 319 -31.59 38.78 -0.08
CA ILE B 319 -31.37 37.35 0.14
C ILE B 319 -31.11 37.09 1.61
N GLN B 320 -30.23 37.90 2.20
CA GLN B 320 -29.89 37.79 3.62
C GLN B 320 -31.11 38.03 4.51
N GLN B 321 -31.98 38.93 4.10
CA GLN B 321 -33.15 39.28 4.91
C GLN B 321 -34.28 38.26 4.82
N ASP B 322 -34.37 37.56 3.69
CA ASP B 322 -35.49 36.64 3.47
C ASP B 322 -35.15 35.17 3.71
N THR B 323 -33.86 34.87 3.84
CA THR B 323 -33.43 33.49 4.07
C THR B 323 -32.45 33.41 5.23
N LYS B 324 -32.37 32.24 5.87
CA LYS B 324 -31.47 32.04 7.00
C LYS B 324 -30.71 30.71 6.90
N GLY B 325 -29.65 30.58 7.68
CA GLY B 325 -28.91 29.32 7.77
C GLY B 325 -28.02 29.02 6.59
N ASP B 326 -27.60 27.75 6.48
CA ASP B 326 -26.71 27.32 5.41
C ASP B 326 -27.34 27.51 4.02
N TYR B 327 -28.66 27.49 3.98
CA TYR B 327 -29.41 27.82 2.77
C TYR B 327 -29.05 29.25 2.34
N GLN B 328 -29.20 30.17 3.29
CA GLN B 328 -28.83 31.57 3.07
C GLN B 328 -27.37 31.70 2.67
N LYS B 329 -26.48 31.01 3.39
CA LYS B 329 -25.06 31.06 3.09
C LYS B 329 -24.79 30.63 1.65
N ALA B 330 -25.46 29.56 1.23
CA ALA B 330 -25.30 29.01 -0.12
C ALA B 330 -25.77 30.02 -1.16
N LEU B 331 -26.94 30.59 -0.94
CA LEU B 331 -27.47 31.59 -1.87
C LEU B 331 -26.54 32.80 -1.98
N LEU B 332 -26.04 33.27 -0.84
CA LEU B 332 -25.14 34.42 -0.81
C LEU B 332 -23.82 34.11 -1.51
N TYR B 333 -23.36 32.88 -1.37
CA TYR B 333 -22.17 32.42 -2.06
C TYR B 333 -22.40 32.45 -3.57
N LEU B 334 -23.55 31.95 -4.01
CA LEU B 334 -23.90 32.01 -5.42
C LEU B 334 -24.00 33.45 -5.91
N CYS B 335 -24.43 34.35 -5.03
CA CYS B 335 -24.54 35.77 -5.35
C CYS B 335 -23.19 36.36 -5.72
N GLY B 336 -22.17 36.04 -4.92
CA GLY B 336 -20.81 36.43 -5.25
C GLY B 336 -20.26 37.61 -4.47
N GLY B 337 -21.06 38.16 -3.57
CA GLY B 337 -20.62 39.28 -2.76
C GLY B 337 -21.68 40.36 -2.62
N ASP B 338 -21.39 41.36 -1.80
CA ASP B 338 -22.32 42.45 -1.52
C ASP B 338 -22.13 43.60 -2.51
N ASP B 339 -23.14 44.45 -2.63
CA ASP B 339 -23.06 45.62 -3.49
C ASP B 339 -23.42 46.90 -2.73
N ALA C 5 -7.73 -3.29 -10.38
CA ALA C 5 -7.01 -2.09 -10.74
C ALA C 5 -5.75 -2.42 -11.56
N CYS C 6 -5.09 -1.39 -12.07
CA CYS C 6 -3.89 -1.55 -12.88
C CYS C 6 -2.69 -1.92 -12.01
N PRO C 7 -1.74 -2.69 -12.59
CA PRO C 7 -0.58 -3.20 -11.83
C PRO C 7 0.24 -2.11 -11.14
N LEU C 8 0.52 -1.02 -11.83
CA LEU C 8 1.31 0.06 -11.26
C LEU C 8 0.56 0.73 -10.10
N GLU C 9 -0.77 0.79 -10.23
CA GLU C 9 -1.60 1.35 -9.18
C GLU C 9 -1.55 0.50 -7.92
N LYS C 10 -1.70 -0.81 -8.09
CA LYS C 10 -1.61 -1.73 -6.96
C LYS C 10 -0.23 -1.67 -6.34
N ALA C 11 0.78 -1.50 -7.18
CA ALA C 11 2.16 -1.36 -6.71
C ALA C 11 2.30 -0.13 -5.81
N LEU C 12 1.79 1.00 -6.28
CA LEU C 12 1.82 2.23 -5.49
C LEU C 12 1.06 2.08 -4.18
N ASP C 13 -0.09 1.42 -4.24
CA ASP C 13 -0.92 1.18 -3.05
C ASP C 13 -0.17 0.34 -2.02
N VAL C 14 0.58 -0.65 -2.51
CA VAL C 14 1.40 -1.49 -1.64
C VAL C 14 2.50 -0.64 -1.00
N MET C 15 3.17 0.16 -1.82
CA MET C 15 4.16 1.12 -1.33
C MET C 15 3.62 1.95 -0.17
N VAL C 16 2.47 2.60 -0.39
CA VAL C 16 1.90 3.48 0.61
C VAL C 16 1.50 2.73 1.88
N SER C 17 0.70 1.68 1.72
CA SER C 17 0.16 0.97 2.88
C SER C 17 1.25 0.26 3.70
N THR C 18 2.32 -0.19 3.03
CA THR C 18 3.38 -0.93 3.71
C THR C 18 4.08 -0.04 4.73
N PHE C 19 4.29 1.23 4.38
CA PHE C 19 4.89 2.19 5.28
C PHE C 19 4.10 2.29 6.57
N HIS C 20 2.79 2.55 6.45
CA HIS C 20 1.94 2.73 7.62
C HIS C 20 1.69 1.41 8.36
N LYS C 21 1.98 0.30 7.70
CA LYS C 21 1.87 -1.01 8.32
C LYS C 21 2.87 -1.15 9.48
N TYR C 22 3.98 -0.41 9.40
CA TYR C 22 5.02 -0.50 10.42
C TYR C 22 5.28 0.82 11.14
N SER C 23 4.86 1.93 10.54
CA SER C 23 5.13 3.26 11.11
C SER C 23 4.26 3.56 12.34
N GLY C 24 3.14 2.85 12.45
CA GLY C 24 2.19 3.14 13.51
C GLY C 24 2.31 2.26 14.74
N LYS C 25 3.39 1.50 14.82
CA LYS C 25 3.58 0.58 15.94
C LYS C 25 4.09 1.29 17.19
N GLU C 26 5.08 2.16 17.03
CA GLU C 26 5.68 2.86 18.16
C GLU C 26 5.78 4.35 17.90
N GLY C 27 5.63 5.15 18.96
CA GLY C 27 5.83 6.59 18.90
C GLY C 27 5.01 7.30 17.85
N ASP C 28 5.68 8.10 17.03
CA ASP C 28 5.04 8.81 15.93
C ASP C 28 4.47 7.80 14.93
N LYS C 29 3.16 7.87 14.71
CA LYS C 29 2.47 6.93 13.84
C LYS C 29 2.80 7.14 12.36
N PHE C 30 3.40 8.28 12.04
CA PHE C 30 3.67 8.63 10.65
C PHE C 30 5.16 8.62 10.31
N LYS C 31 5.95 8.05 11.19
CA LYS C 31 7.37 7.94 10.97
C LYS C 31 7.90 6.60 11.42
N LEU C 32 8.93 6.13 10.74
CA LEU C 32 9.58 4.88 11.10
C LEU C 32 10.80 5.13 11.97
N ASN C 33 10.81 4.59 13.18
CA ASN C 33 12.04 4.61 13.97
C ASN C 33 12.91 3.44 13.53
N LYS C 34 14.09 3.31 14.13
CA LYS C 34 15.06 2.31 13.68
C LYS C 34 14.48 0.89 13.71
N SER C 35 13.87 0.52 14.83
CA SER C 35 13.32 -0.83 14.97
C SER C 35 12.18 -1.08 14.00
N GLU C 36 11.34 -0.08 13.77
CA GLU C 36 10.24 -0.20 12.84
C GLU C 36 10.73 -0.40 11.39
N LEU C 37 11.74 0.37 11.00
CA LEU C 37 12.33 0.20 9.69
C LEU C 37 12.94 -1.19 9.56
N LYS C 38 13.63 -1.62 10.61
CA LYS C 38 14.26 -2.94 10.64
C LYS C 38 13.23 -4.04 10.46
N GLU C 39 12.07 -3.88 11.09
CA GLU C 39 10.99 -4.87 11.01
C GLU C 39 10.38 -4.85 9.61
N LEU C 40 10.17 -3.65 9.08
CA LEU C 40 9.64 -3.50 7.73
C LEU C 40 10.54 -4.23 6.74
N LEU C 41 11.84 -4.01 6.85
CA LEU C 41 12.78 -4.67 5.95
C LEU C 41 12.77 -6.18 6.15
N THR C 42 12.75 -6.61 7.41
CA THR C 42 12.74 -8.02 7.76
C THR C 42 11.55 -8.76 7.16
N ARG C 43 10.38 -8.13 7.16
CA ARG C 43 9.15 -8.79 6.74
C ARG C 43 8.81 -8.58 5.26
N GLU C 44 9.16 -7.42 4.72
CA GLU C 44 8.74 -7.03 3.37
C GLU C 44 9.86 -7.14 2.33
N LEU C 45 11.09 -6.86 2.74
CA LEU C 45 12.26 -7.07 1.87
C LEU C 45 13.31 -7.93 2.56
N PRO C 46 13.01 -9.22 2.78
CA PRO C 46 13.86 -10.08 3.61
C PRO C 46 15.27 -10.27 3.04
N SER C 47 15.40 -10.17 1.72
CA SER C 47 16.70 -10.35 1.08
C SER C 47 17.53 -9.06 1.07
N PHE C 48 16.95 -7.96 1.55
CA PHE C 48 17.68 -6.69 1.59
C PHE C 48 18.82 -6.75 2.60
N LEU C 49 18.48 -7.02 3.86
CA LEU C 49 19.47 -7.10 4.92
C LEU C 49 20.18 -8.45 4.92
N GLY C 50 19.48 -9.47 4.41
CA GLY C 50 20.04 -10.81 4.34
C GLY C 50 19.81 -11.60 5.62
N LYS C 51 20.47 -12.75 5.72
CA LYS C 51 20.35 -13.61 6.88
C LYS C 51 20.88 -12.93 8.14
N ARG C 52 22.08 -12.35 8.03
CA ARG C 52 22.70 -11.66 9.15
C ARG C 52 22.90 -10.18 8.82
N THR C 53 22.31 -9.31 9.63
CA THR C 53 22.35 -7.88 9.36
C THR C 53 23.56 -7.20 9.98
N ASP C 54 24.34 -6.52 9.15
CA ASP C 54 25.44 -5.69 9.62
C ASP C 54 24.87 -4.49 10.35
N GLU C 55 24.95 -4.49 11.68
CA GLU C 55 24.36 -3.43 12.49
C GLU C 55 24.99 -2.07 12.22
N ALA C 56 26.31 -2.06 11.97
CA ALA C 56 27.01 -0.84 11.63
C ALA C 56 26.49 -0.26 10.32
N ALA C 57 26.41 -1.12 9.31
CA ALA C 57 25.92 -0.74 8.00
C ALA C 57 24.46 -0.29 8.07
N PHE C 58 23.67 -0.98 8.89
CA PHE C 58 22.27 -0.63 9.03
C PHE C 58 22.12 0.74 9.68
N GLN C 59 22.97 1.01 10.66
CA GLN C 59 22.98 2.32 11.29
C GLN C 59 23.37 3.41 10.28
N LYS C 60 24.36 3.11 9.44
CA LYS C 60 24.74 4.03 8.37
C LYS C 60 23.54 4.32 7.46
N LEU C 61 22.80 3.26 7.14
CA LEU C 61 21.63 3.36 6.28
C LEU C 61 20.56 4.25 6.91
N MET C 62 20.22 3.95 8.15
CA MET C 62 19.25 4.73 8.91
C MET C 62 19.64 6.20 8.96
N SER C 63 20.91 6.44 9.25
CA SER C 63 21.45 7.79 9.36
C SER C 63 21.35 8.55 8.04
N ASN C 64 21.65 7.87 6.94
CA ASN C 64 21.61 8.54 5.63
C ASN C 64 20.20 8.70 5.06
N LEU C 65 19.27 7.86 5.50
CA LEU C 65 17.88 7.98 5.09
C LEU C 65 17.20 9.13 5.82
N ASP C 66 17.72 9.46 7.00
CA ASP C 66 17.17 10.52 7.83
C ASP C 66 17.68 11.88 7.38
N SER C 67 17.13 12.38 6.27
CA SER C 67 17.58 13.63 5.66
C SER C 67 17.35 14.86 6.55
N ASN C 68 16.20 14.93 7.21
CA ASN C 68 15.89 16.10 8.04
C ASN C 68 16.40 15.93 9.46
N ARG C 69 17.10 14.82 9.70
CA ARG C 69 17.81 14.57 10.96
C ARG C 69 16.91 14.62 12.19
N ASP C 70 15.83 13.85 12.18
CA ASP C 70 14.99 13.73 13.38
C ASP C 70 14.99 12.30 13.91
N ASN C 71 16.02 11.54 13.54
CA ASN C 71 16.25 10.18 14.01
C ASN C 71 15.19 9.17 13.58
N GLU C 72 14.29 9.59 12.69
CA GLU C 72 13.27 8.69 12.18
C GLU C 72 13.09 8.88 10.68
N VAL C 73 12.32 7.99 10.05
CA VAL C 73 12.12 8.03 8.61
C VAL C 73 10.66 8.28 8.27
N ASP C 74 10.37 9.46 7.70
CA ASP C 74 9.00 9.78 7.31
C ASP C 74 8.71 9.22 5.91
N PHE C 75 7.55 9.56 5.38
CA PHE C 75 7.11 8.95 4.13
C PHE C 75 7.92 9.39 2.92
N GLN C 76 8.32 10.66 2.88
CA GLN C 76 9.10 11.18 1.76
C GLN C 76 10.48 10.52 1.71
N GLU C 77 11.13 10.41 2.86
CA GLU C 77 12.42 9.75 2.98
C GLU C 77 12.32 8.28 2.59
N TYR C 78 11.21 7.66 2.98
CA TYR C 78 10.90 6.29 2.61
C TYR C 78 10.77 6.16 1.09
N CYS C 79 10.14 7.16 0.46
CA CYS C 79 10.04 7.22 -0.99
C CYS C 79 11.41 7.32 -1.65
N VAL C 80 12.29 8.11 -1.07
CA VAL C 80 13.66 8.21 -1.57
C VAL C 80 14.37 6.86 -1.45
N PHE C 81 14.13 6.17 -0.34
CA PHE C 81 14.72 4.85 -0.13
C PHE C 81 14.30 3.85 -1.21
N LEU C 82 12.99 3.74 -1.40
CA LEU C 82 12.45 2.85 -2.43
C LEU C 82 12.91 3.24 -3.83
N SER C 83 13.04 4.55 -4.07
CA SER C 83 13.55 5.04 -5.36
C SER C 83 14.97 4.55 -5.59
N CYS C 84 15.78 4.62 -4.53
CA CYS C 84 17.16 4.15 -4.61
C CYS C 84 17.20 2.66 -4.91
N ILE C 85 16.36 1.89 -4.23
CA ILE C 85 16.27 0.45 -4.50
C ILE C 85 15.89 0.17 -5.96
N ALA C 86 14.90 0.90 -6.45
CA ALA C 86 14.41 0.71 -7.81
C ALA C 86 15.48 1.09 -8.84
N MET C 87 16.23 2.14 -8.57
CA MET C 87 17.30 2.57 -9.46
C MET C 87 18.43 1.56 -9.48
N MET C 88 18.76 1.04 -8.31
CA MET C 88 19.80 0.02 -8.20
C MET C 88 19.43 -1.21 -9.00
N CYS C 89 18.19 -1.69 -8.82
CA CYS C 89 17.74 -2.86 -9.57
C CYS C 89 17.64 -2.56 -11.06
N ASN C 90 17.32 -1.32 -11.40
CA ASN C 90 17.24 -0.91 -12.80
C ASN C 90 18.61 -0.87 -13.47
N GLU C 91 19.66 -0.62 -12.69
CA GLU C 91 21.01 -0.55 -13.23
C GLU C 91 21.49 -1.92 -13.72
N PHE C 92 20.88 -2.98 -13.22
CA PHE C 92 21.23 -4.32 -13.65
C PHE C 92 20.29 -4.81 -14.74
N PHE C 93 19.80 -3.87 -15.53
CA PHE C 93 19.03 -4.17 -16.73
C PHE C 93 19.98 -4.48 -17.88
N SER D 2 13.39 -18.87 -2.57
CA SER D 2 12.15 -18.39 -1.97
C SER D 2 11.18 -17.87 -3.02
N HIS D 3 10.36 -18.76 -3.56
CA HIS D 3 9.36 -18.39 -4.55
C HIS D 3 8.29 -17.48 -3.96
N MET D 4 7.40 -16.99 -4.82
CA MET D 4 6.38 -16.01 -4.45
C MET D 4 6.97 -14.80 -3.73
N ALA D 5 7.57 -13.90 -4.50
CA ALA D 5 8.18 -12.70 -3.94
C ALA D 5 7.19 -11.92 -3.06
N CYS D 6 7.73 -11.27 -2.05
CA CYS D 6 6.93 -10.46 -1.13
C CYS D 6 6.24 -9.32 -1.90
N PRO D 7 5.09 -8.84 -1.41
CA PRO D 7 4.32 -7.77 -2.04
C PRO D 7 5.16 -6.56 -2.46
N LEU D 8 5.97 -6.01 -1.56
CA LEU D 8 6.76 -4.82 -1.88
C LEU D 8 7.81 -5.12 -2.97
N GLU D 9 8.37 -6.32 -2.95
CA GLU D 9 9.33 -6.73 -3.97
C GLU D 9 8.67 -6.77 -5.35
N LYS D 10 7.46 -7.32 -5.41
CA LYS D 10 6.71 -7.37 -6.65
C LYS D 10 6.29 -5.97 -7.10
N ALA D 11 6.00 -5.11 -6.13
CA ALA D 11 5.62 -3.73 -6.43
C ALA D 11 6.79 -2.99 -7.09
N LEU D 12 7.97 -3.13 -6.52
CA LEU D 12 9.18 -2.57 -7.10
C LEU D 12 9.43 -3.15 -8.50
N ASP D 13 9.23 -4.46 -8.64
CA ASP D 13 9.34 -5.11 -9.95
C ASP D 13 8.44 -4.45 -11.00
N VAL D 14 7.17 -4.28 -10.66
CA VAL D 14 6.21 -3.63 -11.55
C VAL D 14 6.65 -2.21 -11.89
N MET D 15 7.09 -1.46 -10.88
CA MET D 15 7.55 -0.09 -11.08
C MET D 15 8.70 -0.02 -12.08
N VAL D 16 9.66 -0.93 -11.95
CA VAL D 16 10.81 -0.95 -12.86
C VAL D 16 10.42 -1.36 -14.27
N SER D 17 9.66 -2.45 -14.39
CA SER D 17 9.29 -2.97 -15.71
C SER D 17 8.38 -2.02 -16.50
N THR D 18 7.49 -1.33 -15.78
CA THR D 18 6.54 -0.43 -16.42
C THR D 18 7.24 0.67 -17.20
N PHE D 19 8.37 1.16 -16.66
CA PHE D 19 9.15 2.19 -17.32
C PHE D 19 9.65 1.73 -18.68
N HIS D 20 10.29 0.56 -18.71
CA HIS D 20 10.86 0.03 -19.94
C HIS D 20 9.78 -0.48 -20.89
N LYS D 21 8.58 -0.69 -20.37
CA LYS D 21 7.45 -1.09 -21.21
C LYS D 21 7.11 -0.01 -22.22
N TYR D 22 7.36 1.24 -21.86
CA TYR D 22 7.00 2.37 -22.71
C TYR D 22 8.20 3.12 -23.27
N SER D 23 9.30 3.14 -22.51
CA SER D 23 10.51 3.82 -22.97
C SER D 23 11.14 3.06 -24.14
N GLY D 24 10.83 1.76 -24.23
CA GLY D 24 11.35 0.94 -25.30
C GLY D 24 10.39 0.85 -26.47
N LYS D 25 9.80 1.99 -26.84
CA LYS D 25 8.88 2.04 -27.98
C LYS D 25 9.39 2.98 -29.06
N GLU D 26 9.77 4.19 -28.66
CA GLU D 26 10.21 5.21 -29.60
C GLU D 26 11.43 5.96 -29.08
N GLY D 27 12.30 6.39 -30.00
CA GLY D 27 13.47 7.16 -29.66
C GLY D 27 14.44 6.45 -28.74
N ASP D 28 14.85 7.13 -27.67
CA ASP D 28 15.76 6.55 -26.69
C ASP D 28 15.09 5.38 -25.97
N LYS D 29 15.76 4.24 -25.93
CA LYS D 29 15.21 3.05 -25.31
C LYS D 29 15.26 3.12 -23.79
N PHE D 30 15.99 4.09 -23.26
CA PHE D 30 16.15 4.23 -21.82
C PHE D 30 15.55 5.53 -21.30
N LYS D 31 14.83 6.24 -22.16
CA LYS D 31 14.19 7.49 -21.76
C LYS D 31 12.75 7.58 -22.29
N LEU D 32 11.94 8.38 -21.62
CA LEU D 32 10.57 8.62 -22.04
C LEU D 32 10.41 10.00 -22.67
N ASN D 33 9.77 10.05 -23.84
CA ASN D 33 9.43 11.34 -24.44
C ASN D 33 8.03 11.74 -23.99
N LYS D 34 7.49 12.81 -24.58
CA LYS D 34 6.15 13.27 -24.23
C LYS D 34 5.08 12.21 -24.50
N SER D 35 5.09 11.68 -25.72
CA SER D 35 4.10 10.71 -26.16
C SER D 35 4.13 9.44 -25.31
N GLU D 36 5.31 8.87 -25.13
CA GLU D 36 5.48 7.65 -24.34
C GLU D 36 5.01 7.86 -22.91
N LEU D 37 5.37 8.99 -22.32
CA LEU D 37 4.96 9.31 -20.96
C LEU D 37 3.45 9.42 -20.87
N LYS D 38 2.83 10.03 -21.88
CA LYS D 38 1.38 10.17 -21.86
C LYS D 38 0.69 8.82 -22.03
N GLU D 39 1.29 7.94 -22.82
CA GLU D 39 0.77 6.58 -22.95
C GLU D 39 0.85 5.86 -21.61
N LEU D 40 1.99 5.97 -20.94
CA LEU D 40 2.20 5.34 -19.63
C LEU D 40 1.19 5.86 -18.62
N LEU D 41 0.98 7.18 -18.61
CA LEU D 41 0.06 7.81 -17.67
C LEU D 41 -1.37 7.37 -17.92
N THR D 42 -1.82 7.54 -19.17
CA THR D 42 -3.20 7.25 -19.54
C THR D 42 -3.56 5.77 -19.39
N ARG D 43 -2.59 4.89 -19.66
CA ARG D 43 -2.87 3.46 -19.66
C ARG D 43 -2.61 2.78 -18.30
N GLU D 44 -1.52 3.16 -17.64
CA GLU D 44 -1.09 2.47 -16.42
C GLU D 44 -1.58 3.13 -15.14
N LEU D 45 -2.01 4.38 -15.23
CA LEU D 45 -2.52 5.09 -14.05
C LEU D 45 -3.78 5.91 -14.34
N PRO D 46 -4.84 5.28 -14.89
CA PRO D 46 -6.04 6.05 -15.22
C PRO D 46 -6.80 6.52 -13.98
N SER D 47 -6.60 5.84 -12.86
CA SER D 47 -7.29 6.18 -11.62
C SER D 47 -6.79 7.49 -11.03
N PHE D 48 -5.64 7.95 -11.51
CA PHE D 48 -5.05 9.19 -11.02
C PHE D 48 -5.34 10.37 -11.95
N LEU D 49 -5.97 10.09 -13.08
CA LEU D 49 -6.31 11.15 -14.03
C LEU D 49 -7.69 11.72 -13.76
N GLY D 50 -7.80 13.05 -13.82
CA GLY D 50 -9.07 13.71 -13.62
C GLY D 50 -10.03 13.41 -14.76
N LYS D 51 -11.24 13.98 -14.67
CA LYS D 51 -12.25 13.78 -15.70
C LYS D 51 -11.79 14.38 -17.04
N ARG D 52 -10.99 15.44 -16.96
CA ARG D 52 -10.45 16.10 -18.13
C ARG D 52 -8.95 16.33 -17.94
N THR D 53 -8.24 16.59 -19.03
CA THR D 53 -6.79 16.81 -18.94
C THR D 53 -6.34 18.03 -19.76
N ASP D 54 -5.90 19.06 -19.04
CA ASP D 54 -5.29 20.23 -19.66
C ASP D 54 -3.92 19.86 -20.21
N GLU D 55 -3.70 20.13 -21.50
CA GLU D 55 -2.44 19.79 -22.14
C GLU D 55 -1.30 20.64 -21.59
N ALA D 56 -1.62 21.87 -21.22
CA ALA D 56 -0.63 22.79 -20.66
C ALA D 56 -0.09 22.29 -19.32
N ALA D 57 -0.98 21.73 -18.50
CA ALA D 57 -0.58 21.16 -17.22
C ALA D 57 0.29 19.93 -17.44
N PHE D 58 0.04 19.20 -18.53
CA PHE D 58 0.86 18.06 -18.87
C PHE D 58 2.24 18.50 -19.32
N GLN D 59 2.29 19.61 -20.06
CA GLN D 59 3.56 20.17 -20.51
C GLN D 59 4.38 20.67 -19.32
N LYS D 60 3.71 21.30 -18.37
CA LYS D 60 4.38 21.76 -17.15
C LYS D 60 4.87 20.57 -16.32
N LEU D 61 4.07 19.50 -16.29
CA LEU D 61 4.47 18.27 -15.63
C LEU D 61 5.75 17.72 -16.25
N MET D 62 5.73 17.57 -17.57
CA MET D 62 6.87 17.08 -18.32
C MET D 62 8.12 17.93 -18.06
N SER D 63 7.92 19.24 -18.05
CA SER D 63 9.03 20.18 -17.82
C SER D 63 9.59 20.05 -16.40
N ASN D 64 8.71 19.77 -15.44
CA ASN D 64 9.13 19.65 -14.05
C ASN D 64 9.83 18.32 -13.77
N LEU D 65 9.41 17.26 -14.47
CA LEU D 65 10.05 15.96 -14.32
C LEU D 65 11.43 15.93 -14.98
N ASP D 66 11.56 16.62 -16.10
CA ASP D 66 12.83 16.71 -16.80
C ASP D 66 13.73 17.67 -16.02
N SER D 67 14.53 17.10 -15.11
CA SER D 67 15.34 17.90 -14.19
C SER D 67 16.63 18.39 -14.82
N ASN D 68 17.21 17.58 -15.70
CA ASN D 68 18.49 17.93 -16.35
C ASN D 68 18.31 18.61 -17.70
N ARG D 69 17.06 18.86 -18.07
CA ARG D 69 16.71 19.53 -19.32
C ARG D 69 17.18 18.91 -20.65
N ASP D 70 16.78 17.66 -20.88
CA ASP D 70 17.07 17.02 -22.17
C ASP D 70 15.81 16.56 -22.92
N ASN D 71 14.68 17.19 -22.61
CA ASN D 71 13.41 16.96 -23.29
C ASN D 71 12.89 15.54 -23.12
N GLU D 72 13.44 14.80 -22.16
CA GLU D 72 13.01 13.43 -21.89
C GLU D 72 13.11 13.08 -20.41
N VAL D 73 12.44 12.00 -20.02
CA VAL D 73 12.43 11.58 -18.63
C VAL D 73 13.09 10.21 -18.46
N ASP D 74 14.26 10.19 -17.82
CA ASP D 74 14.94 8.93 -17.55
C ASP D 74 14.33 8.24 -16.34
N PHE D 75 14.93 7.13 -15.92
CA PHE D 75 14.37 6.32 -14.85
C PHE D 75 14.37 7.02 -13.50
N GLN D 76 15.38 7.84 -13.25
CA GLN D 76 15.49 8.57 -11.98
C GLN D 76 14.34 9.56 -11.79
N GLU D 77 14.10 10.35 -12.84
CA GLU D 77 13.03 11.35 -12.83
C GLU D 77 11.65 10.68 -12.80
N TYR D 78 11.57 9.54 -13.47
CA TYR D 78 10.38 8.70 -13.41
C TYR D 78 10.14 8.26 -11.97
N CYS D 79 11.22 7.98 -11.26
CA CYS D 79 11.13 7.60 -9.86
C CYS D 79 10.65 8.77 -9.01
N VAL D 80 11.14 9.98 -9.27
CA VAL D 80 10.66 11.11 -8.47
C VAL D 80 9.18 11.38 -8.79
N PHE D 81 8.75 11.06 -10.01
CA PHE D 81 7.34 11.17 -10.37
C PHE D 81 6.49 10.20 -9.55
N LEU D 82 6.86 8.92 -9.58
CA LEU D 82 6.17 7.91 -8.78
C LEU D 82 6.15 8.30 -7.30
N SER D 83 7.27 8.85 -6.84
CA SER D 83 7.37 9.34 -5.47
C SER D 83 6.33 10.41 -5.19
N CYS D 84 6.15 11.33 -6.12
CA CYS D 84 5.12 12.36 -5.99
C CYS D 84 3.73 11.75 -5.91
N ILE D 85 3.44 10.78 -6.78
CA ILE D 85 2.13 10.11 -6.76
C ILE D 85 1.86 9.45 -5.41
N ALA D 86 2.83 8.67 -4.95
CA ALA D 86 2.74 8.00 -3.67
C ALA D 86 2.54 9.01 -2.54
N MET D 87 3.22 10.14 -2.63
CA MET D 87 3.08 11.17 -1.62
C MET D 87 1.67 11.77 -1.61
N MET D 88 1.05 11.89 -2.79
CA MET D 88 -0.36 12.31 -2.85
C MET D 88 -1.25 11.30 -2.13
N CYS D 89 -1.03 10.02 -2.46
CA CYS D 89 -1.78 8.95 -1.83
C CYS D 89 -1.63 8.98 -0.32
N ASN D 90 -0.43 9.28 0.15
CA ASN D 90 -0.16 9.37 1.58
C ASN D 90 -0.83 10.58 2.20
N GLU D 91 -0.95 11.66 1.42
CA GLU D 91 -1.69 12.82 1.90
C GLU D 91 -3.13 12.42 2.14
N PHE D 92 -3.70 11.66 1.22
CA PHE D 92 -5.07 11.20 1.38
C PHE D 92 -5.20 10.18 2.51
N PHE D 93 -4.12 9.46 2.79
CA PHE D 93 -4.12 8.46 3.85
C PHE D 93 -4.07 9.08 5.25
N GLU D 94 -3.04 9.90 5.46
CA GLU D 94 -2.85 10.56 6.72
C GLU D 94 -3.98 11.28 7.37
N GLY D 95 -4.48 12.34 6.75
CA GLY D 95 -5.58 13.07 7.30
C GLY D 95 -6.64 12.52 6.39
N PHE D 96 -7.88 12.85 6.67
CA PHE D 96 -9.00 12.40 5.86
C PHE D 96 -10.33 12.72 6.52
CA CA E . -4.48 -35.13 17.71
CA CA F . 2.31 -27.27 24.16
CA CA G . 23.68 -23.06 36.74
CA CA H . 49.32 -39.96 36.58
CA CA I . 14.63 -47.92 26.99
C1 GOL J . 36.08 -30.48 16.67
O1 GOL J . 36.88 -29.34 16.49
C2 GOL J . 36.67 -31.31 17.82
O2 GOL J . 36.57 -30.60 19.03
C3 GOL J . 35.92 -32.63 17.91
O3 GOL J . 34.52 -32.41 17.86
C1 GOL K . 26.03 -29.74 14.57
O1 GOL K . 25.13 -30.78 14.84
C2 GOL K . 25.31 -28.47 14.16
O2 GOL K . 23.93 -28.55 14.45
C3 GOL K . 25.97 -27.27 14.84
O3 GOL K . 25.07 -26.23 15.13
C1 GOL L . 48.70 -29.62 14.00
O1 GOL L . 47.45 -29.06 14.32
C2 GOL L . 48.77 -29.96 12.52
O2 GOL L . 50.09 -29.81 12.05
C3 GOL L . 47.84 -29.05 11.75
O3 GOL L . 47.55 -29.64 10.50
CA CA M . -33.40 14.44 1.33
CA CA N . -48.69 18.46 -16.70
CA CA O . -26.10 19.67 10.29
CA CA P . -56.81 45.39 -29.72
CA CA Q . -40.00 37.92 1.70
C1 GOL R . -35.14 34.61 -27.31
O1 GOL R . -36.02 33.84 -26.52
C2 GOL R . -33.75 34.60 -26.69
O2 GOL R . -32.77 34.51 -27.71
C3 GOL R . -33.54 35.88 -25.90
O3 GOL R . -34.57 36.02 -24.96
C1 GOL S . -33.04 39.92 -37.85
O1 GOL S . -33.82 39.40 -38.91
C2 GOL S . -32.06 40.97 -38.38
O2 GOL S . -30.81 40.34 -38.65
C3 GOL S . -32.60 41.59 -39.67
O3 GOL S . -31.67 42.53 -40.15
CA CA T . 6.65 5.04 14.50
CA CA U . 13.62 11.97 9.13
CA CA V . 11.68 6.07 -25.49
CA CA W . 15.57 14.32 -18.24
#